data_7F53
#
_entry.id   7F53
#
_cell.length_a   1.00
_cell.length_b   1.00
_cell.length_c   1.00
_cell.angle_alpha   90.00
_cell.angle_beta   90.00
_cell.angle_gamma   90.00
#
_symmetry.space_group_name_H-M   'P 1'
#
loop_
_entity.id
_entity.type
_entity.pdbx_description
1 polymer 'Isoform Gnas-2 of Guanine nucleotide-binding protein G(s) subunit alpha isoforms short'
2 polymer 'Guanine nucleotide-binding protein G(I)/G(S)/G(T) subunit beta-1'
3 polymer 'Guanine nucleotide-binding protein G(I)/G(S)/G(O) subunit gamma-2'
4 polymer Nanobody35
5 polymer 'Melanocortin receptor 4'
6 polymer 'alpha-melanocyte-stimulating hormones'
7 non-polymer 'CALCIUM ION'
8 water water
#
loop_
_entity_poly.entity_id
_entity_poly.type
_entity_poly.pdbx_seq_one_letter_code
_entity_poly.pdbx_strand_id
1 'polypeptide(L)'
;MGCLGNSKTEDQRNEEKAQREANKKIEKQLQKDKQVYRATHRLLLLGAGESGKNTIVKQMRILHVNGFNGDSEKATKVQD
IKNNLKEAIETIVAAMSNLVPPVELANPENQFRVDYILSVMNVPDFDFPPEFYEHAKALWEDEGVRACYERSNEYQLIDC
AQYFLDKIDVIKQADYVPSDQDLLRCRVLTSGIFETKFQVDKVNFHMFDVGAQRDERRKWIQCFNDVTAIIFVVASSSYN
MVIREDNQTNRLQAALKLFDSIWNNKWLRDTSVILFLNKQDLLAEKVLAGKSKIEDYFPEFARYTTPEDATPEPGEDPRV
TRAKYFIRDEFLRISTASGDGRHYCYPHFTCAVDTENIRRVFNDCRDIIQRMHLRQYELL
;
A
2 'polypeptide(L)'
;MHHHHHHLEVLFQGPGSSGSELDQLRQEAEQLKNQIRDARKACADATLSQITNNIDPVGRIQMRTRRTLRGHLAKIYAMH
WGTDSRLLVSASQDGKLIIWDSYTTNKVHAIPLRSSWVMTCAYAPSGNYVACGGLDNICSIYNLKTREGNVRVSRELAGH
TGYLSCCRFLDDNQIVTSSGDTTCALWDIETGQQTTTFTGHTGDVMSLSLAPDTRLFVSGACDASAKLWDVREGMCRQTF
TGHESDINAICFFPNGNAFATGSDDATCRLFDLRADQELMTYSHDNIICGITSVSFSKSGRLLLAGYDDFNCNVWDALKA
DRAGVLAGHDNRVSCLGVTDDGMAVATGSWDSFLKIWNGSSGGGGSGGGGSSGVSGWRLFKKIS
;
B
3 'polypeptide(L)' MASNNTASIAQARKLVEQLKMEANIDRIKVSKAAADLMAYCEAHAKEDPLLTPVPASENPFREKKFFCAIL G
4 'polypeptide(L)'
;QVQLQESGGGLVQPGGSLRLSCAASGFTFSNYKMNWVRQAPGKGLEWVSDISQSGASISYTGSVKGRFTISRDNAKNTLY
LQMNSLKPEDTAVYYCARCPAPFTRDCFDVTSTTYAYRGQGTQVTV
;
N
5 'polypeptide(L)'
;GPMVNSTHRGMHTSLHLWNRSSYRLHSNASESLGKGYSDGGCYEQLFVSPEVFVTLGVISLLENILVIVAIAKNKNLHSP
MYFFICSLAVADMLVSVSNGSETIVITLLNSTDTDAQSFTVNIDNVIDSVICSSLLASICSLLSIAVDRYFTIFYALQYH
NIMTVKRVGIIISCIWAACTVSGILFIIYSDSSAVIICLITMFFTMLALMASLYVHMFLMARLHIKRIAVLPGTGAIRQG
ANMKGAITLTILIGVFVVCWAPFFLHLIFYISCPQNPYCVCFMSHFNLYLILIMCNSIIDPLIYALRSQELRKTFKEIIC
CYPLGGLCDLSSRYGGSGGSVFTLEDFVGDWEQTAAYNLDQVLEQGGVSSLLQNLAVSVTPIQRIVRSGENALKIDIHVI
IPYEGLSADQMAQIEEVFKVVYPVDDHHFKVILPYGTLVIDGVTPNMLNYFGRPYEGIAVFDGKKITVTGTLWNGNKIID
ERLITPDGSMLFRVTINSGGSLEVLFQ
;
R
6 'polypeptide(L)' (ACE)SYSMEHFRWGKPV(NH2) L
#
loop_
_chem_comp.id
_chem_comp.type
_chem_comp.name
_chem_comp.formula
ACE non-polymer 'ACETYL GROUP' 'C2 H4 O'
CA non-polymer 'CALCIUM ION' 'Ca 2'
NH2 non-polymer 'AMINO GROUP' 'H2 N'
#
# COMPACT_ATOMS: atom_id res chain seq x y z
N ASP A 11 29.07 35.81 -6.02
CA ASP A 11 29.92 34.89 -6.76
C ASP A 11 29.55 33.45 -6.48
N GLN A 12 28.82 33.24 -5.38
CA GLN A 12 28.32 31.92 -4.99
C GLN A 12 27.19 31.43 -5.89
N ARG A 13 26.59 32.30 -6.71
CA ARG A 13 25.52 31.87 -7.59
C ARG A 13 25.97 30.75 -8.51
N ASN A 14 27.27 30.65 -8.76
CA ASN A 14 27.78 29.65 -9.69
C ASN A 14 27.54 28.26 -9.14
N GLU A 15 27.47 28.12 -7.82
CA GLU A 15 27.15 26.81 -7.27
C GLU A 15 25.66 26.54 -7.38
N GLU A 16 24.84 27.56 -7.11
CA GLU A 16 23.40 27.36 -7.15
C GLU A 16 22.94 27.05 -8.56
N LYS A 17 23.51 27.77 -9.53
CA LYS A 17 23.18 27.52 -10.92
C LYS A 17 23.51 26.09 -11.29
N ALA A 18 24.67 25.60 -10.83
CA ALA A 18 25.06 24.25 -11.17
C ALA A 18 24.02 23.25 -10.68
N GLN A 19 23.46 23.50 -9.49
CA GLN A 19 22.51 22.56 -8.95
C GLN A 19 21.28 22.46 -9.80
N ARG A 20 20.81 23.59 -10.35
CA ARG A 20 19.63 23.51 -11.18
C ARG A 20 19.89 22.65 -12.40
N GLU A 21 21.09 22.74 -12.97
CA GLU A 21 21.39 21.94 -14.13
C GLU A 21 21.23 20.46 -13.81
N ALA A 22 21.67 20.06 -12.62
CA ALA A 22 21.59 18.65 -12.26
C ALA A 22 20.14 18.17 -12.30
N ASN A 23 19.21 18.96 -11.77
CA ASN A 23 17.82 18.52 -11.78
C ASN A 23 17.33 18.31 -13.19
N LYS A 24 17.67 19.22 -14.11
CA LYS A 24 17.21 19.06 -15.48
C LYS A 24 17.65 17.73 -16.04
N LYS A 25 18.90 17.35 -15.80
CA LYS A 25 19.35 16.04 -16.28
C LYS A 25 18.62 14.93 -15.56
N ILE A 26 18.43 15.06 -14.24
CA ILE A 26 17.82 13.98 -13.48
C ILE A 26 16.32 13.89 -13.76
N GLU A 27 15.62 15.03 -13.73
CA GLU A 27 14.16 14.97 -13.86
C GLU A 27 13.77 14.41 -15.21
N LYS A 28 14.44 14.81 -16.27
CA LYS A 28 14.11 14.24 -17.57
C LYS A 28 14.33 12.76 -17.56
N GLN A 29 15.43 12.30 -16.96
CA GLN A 29 15.66 10.87 -16.92
C GLN A 29 14.58 10.19 -16.09
N LEU A 30 14.15 10.82 -14.99
CA LEU A 30 13.11 10.21 -14.19
C LEU A 30 11.82 10.11 -15.00
N GLN A 31 11.55 11.13 -15.83
CA GLN A 31 10.34 11.06 -16.63
C GLN A 31 10.42 9.89 -17.59
N LYS A 32 11.60 9.67 -18.17
CA LYS A 32 11.73 8.54 -19.07
C LYS A 32 11.49 7.25 -18.31
N ASP A 33 12.04 7.16 -17.09
CA ASP A 33 11.89 5.95 -16.33
C ASP A 33 10.44 5.72 -15.97
N LYS A 34 9.70 6.79 -15.71
CA LYS A 34 8.29 6.63 -15.36
C LYS A 34 7.56 5.95 -16.50
N GLN A 35 7.87 6.32 -17.73
CA GLN A 35 7.26 5.72 -18.89
C GLN A 35 7.44 4.19 -18.89
N VAL A 36 8.65 3.73 -18.57
CA VAL A 36 8.90 2.30 -18.53
C VAL A 36 8.20 1.68 -17.33
N TYR A 37 8.19 2.38 -16.20
CA TYR A 37 7.67 1.78 -14.97
C TYR A 37 6.19 1.44 -15.10
N ARG A 38 5.36 2.40 -15.50
CA ARG A 38 3.92 2.17 -15.51
C ARG A 38 3.49 1.20 -16.60
N ALA A 39 4.26 1.07 -17.66
CA ALA A 39 3.90 0.17 -18.75
C ALA A 39 4.33 -1.27 -18.51
N THR A 40 5.01 -1.55 -17.40
CA THR A 40 5.51 -2.87 -17.05
C THR A 40 4.66 -3.49 -15.96
N HIS A 41 4.21 -4.73 -16.17
CA HIS A 41 3.36 -5.44 -15.24
C HIS A 41 4.16 -6.45 -14.41
N ARG A 42 4.19 -6.23 -13.10
CA ARG A 42 4.94 -7.07 -12.16
C ARG A 42 4.08 -8.16 -11.56
N LEU A 43 4.61 -9.37 -11.49
CA LEU A 43 3.90 -10.54 -11.00
C LEU A 43 4.72 -11.23 -9.91
N LEU A 44 4.06 -11.66 -8.84
CA LEU A 44 4.75 -12.42 -7.79
C LEU A 44 4.42 -13.90 -7.91
N LEU A 45 5.43 -14.76 -7.91
CA LEU A 45 5.23 -16.19 -8.08
C LEU A 45 5.49 -16.96 -6.79
N LEU A 46 4.45 -17.58 -6.24
CA LEU A 46 4.51 -18.39 -5.04
C LEU A 46 4.08 -19.82 -5.32
N GLY A 47 4.51 -20.75 -4.47
CA GLY A 47 4.00 -22.09 -4.63
C GLY A 47 4.37 -23.02 -3.50
N ALA A 48 3.78 -24.21 -3.55
CA ALA A 48 3.97 -25.27 -2.59
C ALA A 48 5.38 -25.88 -2.69
N GLY A 49 5.80 -26.53 -1.60
CA GLY A 49 7.10 -27.20 -1.62
C GLY A 49 7.25 -28.22 -2.73
N GLU A 50 6.17 -28.93 -3.05
CA GLU A 50 6.18 -29.88 -4.17
C GLU A 50 5.58 -29.27 -5.44
N SER A 51 5.24 -27.99 -5.42
CA SER A 51 4.66 -27.34 -6.58
C SER A 51 5.68 -27.27 -7.72
N GLY A 52 5.19 -27.45 -8.94
CA GLY A 52 6.06 -27.36 -10.09
C GLY A 52 6.36 -25.94 -10.53
N LYS A 53 6.79 -25.11 -9.58
CA LYS A 53 7.10 -23.72 -9.85
C LYS A 53 8.15 -23.62 -10.93
N ASN A 54 8.92 -24.68 -11.12
CA ASN A 54 9.94 -24.72 -12.14
C ASN A 54 9.25 -24.88 -13.48
N THR A 55 8.27 -25.78 -13.52
CA THR A 55 7.52 -26.00 -14.74
C THR A 55 6.70 -24.73 -15.03
N ILE A 56 6.38 -23.95 -14.00
CA ILE A 56 5.65 -22.72 -14.27
C ILE A 56 6.58 -21.71 -14.94
N VAL A 57 7.83 -21.64 -14.50
CA VAL A 57 8.78 -20.71 -15.10
C VAL A 57 9.23 -21.22 -16.47
N LYS A 58 9.65 -22.49 -16.54
CA LYS A 58 10.19 -23.02 -17.79
C LYS A 58 9.15 -23.03 -18.91
N GLN A 59 7.87 -23.19 -18.58
CA GLN A 59 6.83 -23.20 -19.61
C GLN A 59 6.35 -21.81 -19.97
N MET A 60 6.94 -20.78 -19.34
CA MET A 60 6.60 -19.40 -19.66
C MET A 60 7.71 -18.74 -20.45
N SER A 191 20.38 -16.71 -5.11
CA SER A 191 20.27 -15.60 -4.17
C SER A 191 18.88 -15.56 -3.53
N GLY A 192 18.45 -14.39 -3.08
CA GLY A 192 17.19 -14.26 -2.39
C GLY A 192 15.97 -14.02 -3.24
N ILE A 193 16.14 -13.77 -4.52
CA ILE A 193 15.02 -13.51 -5.42
C ILE A 193 15.52 -13.66 -6.84
N PHE A 194 14.67 -14.18 -7.71
CA PHE A 194 15.00 -14.35 -9.11
C PHE A 194 14.01 -13.55 -9.94
N GLU A 195 14.49 -13.03 -11.07
CA GLU A 195 13.69 -12.20 -11.95
C GLU A 195 13.65 -12.81 -13.35
N THR A 196 12.47 -12.81 -13.94
CA THR A 196 12.24 -13.27 -15.31
C THR A 196 11.47 -12.20 -16.05
N LYS A 197 11.88 -11.90 -17.28
CA LYS A 197 11.15 -10.94 -18.08
C LYS A 197 10.49 -11.65 -19.25
N PHE A 198 9.29 -11.19 -19.60
CA PHE A 198 8.53 -11.72 -20.72
C PHE A 198 8.03 -10.55 -21.55
N GLN A 199 7.91 -10.78 -22.85
CA GLN A 199 7.16 -9.87 -23.70
C GLN A 199 6.12 -10.70 -24.43
N VAL A 200 4.86 -10.48 -24.09
CA VAL A 200 3.74 -11.22 -24.66
C VAL A 200 2.90 -10.23 -25.44
N ASP A 201 2.87 -10.39 -26.76
CA ASP A 201 2.12 -9.51 -27.65
C ASP A 201 2.45 -8.04 -27.41
N LYS A 202 3.75 -7.74 -27.37
CA LYS A 202 4.28 -6.39 -27.17
C LYS A 202 3.93 -5.83 -25.80
N VAL A 203 3.58 -6.65 -24.81
CA VAL A 203 3.32 -6.19 -23.45
C VAL A 203 4.39 -6.79 -22.55
N ASN A 204 5.03 -5.95 -21.74
CA ASN A 204 6.16 -6.35 -20.92
C ASN A 204 5.71 -6.81 -19.54
N PHE A 205 6.02 -8.05 -19.20
CA PHE A 205 5.73 -8.61 -17.88
C PHE A 205 7.03 -8.89 -17.15
N HIS A 206 7.02 -8.68 -15.83
CA HIS A 206 8.19 -8.85 -14.99
C HIS A 206 7.81 -9.76 -13.83
N MET A 207 8.27 -11.00 -13.86
CA MET A 207 7.88 -12.00 -12.87
C MET A 207 9.01 -12.23 -11.88
N PHE A 208 8.71 -12.09 -10.59
CA PHE A 208 9.67 -12.31 -9.53
C PHE A 208 9.34 -13.58 -8.77
N ASP A 209 10.32 -14.46 -8.66
CA ASP A 209 10.18 -15.71 -7.92
C ASP A 209 11.00 -15.60 -6.65
N VAL A 210 10.39 -15.93 -5.52
CA VAL A 210 11.09 -15.81 -4.24
C VAL A 210 12.16 -16.89 -4.15
N GLY A 211 13.41 -16.45 -4.00
CA GLY A 211 14.55 -17.34 -3.92
C GLY A 211 14.78 -17.89 -2.53
N ALA A 212 16.04 -17.99 -2.13
CA ALA A 212 16.36 -18.64 -0.88
C ALA A 212 16.00 -17.85 0.35
N GLN A 213 14.73 -17.47 0.49
CA GLN A 213 14.22 -16.76 1.65
C GLN A 213 13.79 -17.74 2.74
N ARG A 214 13.74 -17.23 3.98
CA ARG A 214 13.21 -18.01 5.09
C ARG A 214 11.73 -18.31 4.91
N ASP A 215 11.30 -19.46 5.42
CA ASP A 215 9.91 -19.90 5.31
C ASP A 215 8.92 -18.97 6.00
N GLU A 216 9.37 -18.01 6.79
CA GLU A 216 8.50 -17.07 7.47
C GLU A 216 8.20 -15.91 6.52
N ARG A 217 6.98 -15.89 5.99
CA ARG A 217 6.57 -14.99 4.91
C ARG A 217 5.98 -13.67 5.38
N ARG A 218 5.63 -13.53 6.66
CA ARG A 218 4.79 -12.41 7.07
C ARG A 218 5.46 -11.05 6.93
N LYS A 219 6.77 -10.99 6.72
CA LYS A 219 7.46 -9.70 6.62
C LYS A 219 7.83 -9.31 5.20
N TRP A 220 8.36 -10.22 4.38
CA TRP A 220 8.63 -9.82 3.01
C TRP A 220 7.40 -9.89 2.11
N ILE A 221 6.31 -10.50 2.56
CA ILE A 221 5.09 -10.51 1.76
C ILE A 221 4.55 -9.11 1.57
N GLN A 222 4.77 -8.23 2.55
CA GLN A 222 4.27 -6.85 2.47
C GLN A 222 4.86 -6.09 1.28
N CYS A 223 6.10 -6.40 0.91
CA CYS A 223 6.73 -5.72 -0.21
C CYS A 223 5.94 -5.85 -1.49
N PHE A 224 5.47 -7.05 -1.79
CA PHE A 224 4.69 -7.31 -3.00
C PHE A 224 3.23 -6.95 -2.87
N ASN A 225 2.91 -5.73 -2.46
CA ASN A 225 1.53 -5.33 -2.26
C ASN A 225 1.02 -4.40 -3.34
N ASP A 226 1.78 -4.23 -4.41
CA ASP A 226 1.38 -3.39 -5.52
C ASP A 226 1.67 -4.06 -6.86
N VAL A 227 1.91 -5.37 -6.85
CA VAL A 227 2.08 -6.09 -8.09
C VAL A 227 0.73 -6.26 -8.77
N THR A 228 0.77 -6.52 -10.08
CA THR A 228 -0.46 -6.76 -10.81
C THR A 228 -1.21 -7.98 -10.27
N ALA A 229 -0.48 -9.06 -10.02
CA ALA A 229 -1.12 -10.25 -9.51
C ALA A 229 -0.12 -11.12 -8.77
N ILE A 230 -0.66 -11.97 -7.91
CA ILE A 230 0.10 -13.03 -7.26
C ILE A 230 -0.30 -14.32 -7.95
N ILE A 231 0.67 -15.05 -8.44
CA ILE A 231 0.44 -16.33 -9.07
C ILE A 231 0.78 -17.38 -8.04
N PHE A 232 -0.21 -18.14 -7.62
CA PHE A 232 -0.07 -19.11 -6.55
C PHE A 232 -0.26 -20.47 -7.18
N VAL A 233 0.77 -21.32 -7.06
CA VAL A 233 0.75 -22.62 -7.71
C VAL A 233 0.66 -23.69 -6.65
N VAL A 234 -0.38 -24.51 -6.71
CA VAL A 234 -0.63 -25.56 -5.73
C VAL A 234 -0.73 -26.88 -6.47
N ALA A 235 0.03 -27.88 -6.02
CA ALA A 235 -0.06 -29.22 -6.59
C ALA A 235 -1.07 -30.02 -5.79
N SER A 236 -1.97 -30.71 -6.49
CA SER A 236 -2.96 -31.51 -5.79
C SER A 236 -2.39 -32.89 -5.47
N SER A 237 -2.92 -33.49 -4.42
CA SER A 237 -2.48 -34.81 -3.99
C SER A 237 -3.42 -35.38 -2.92
N GLN A 248 3.96 -38.25 4.42
CA GLN A 248 3.32 -37.29 3.55
C GLN A 248 2.17 -36.57 4.26
N THR A 249 2.38 -35.28 4.55
CA THR A 249 1.40 -34.46 5.24
C THR A 249 0.31 -34.02 4.27
N ASN A 250 -0.74 -33.42 4.84
CA ASN A 250 -1.86 -32.91 4.04
C ASN A 250 -1.42 -31.56 3.46
N ARG A 251 -0.60 -31.64 2.41
CA ARG A 251 -0.03 -30.43 1.83
C ARG A 251 -1.10 -29.50 1.29
N LEU A 252 -2.21 -30.06 0.81
CA LEU A 252 -3.29 -29.23 0.27
C LEU A 252 -3.92 -28.38 1.36
N GLN A 253 -4.04 -28.91 2.57
CA GLN A 253 -4.56 -28.10 3.67
C GLN A 253 -3.61 -26.97 4.01
N ALA A 254 -2.30 -27.23 3.91
CA ALA A 254 -1.31 -26.18 4.10
C ALA A 254 -1.47 -25.09 3.04
N ALA A 255 -1.72 -25.50 1.80
CA ALA A 255 -1.94 -24.53 0.74
C ALA A 255 -3.20 -23.71 0.99
N LEU A 256 -4.25 -24.34 1.52
CA LEU A 256 -5.46 -23.60 1.83
C LEU A 256 -5.23 -22.59 2.94
N LYS A 257 -4.42 -22.96 3.92
CA LYS A 257 -4.12 -22.08 5.04
C LYS A 257 -3.26 -20.90 4.59
N LEU A 258 -2.36 -21.15 3.65
CA LEU A 258 -1.53 -20.09 3.08
C LEU A 258 -2.36 -19.16 2.21
N PHE A 259 -3.24 -19.70 1.37
CA PHE A 259 -4.13 -18.87 0.57
C PHE A 259 -5.00 -17.99 1.47
N ASP A 260 -5.51 -18.57 2.54
CA ASP A 260 -6.35 -17.84 3.45
C ASP A 260 -5.60 -16.68 4.08
N SER A 261 -4.35 -16.93 4.47
CA SER A 261 -3.53 -15.88 5.10
C SER A 261 -3.18 -14.78 4.12
N ILE A 262 -2.84 -15.14 2.89
CA ILE A 262 -2.52 -14.15 1.87
C ILE A 262 -3.74 -13.30 1.54
N TRP A 263 -4.89 -13.95 1.36
CA TRP A 263 -6.10 -13.26 0.93
C TRP A 263 -6.57 -12.24 1.96
N ASN A 264 -6.50 -12.57 3.23
CA ASN A 264 -6.99 -11.70 4.30
C ASN A 264 -5.92 -10.76 4.86
N ASN A 265 -4.77 -10.63 4.21
CA ASN A 265 -3.73 -9.72 4.67
C ASN A 265 -4.14 -8.28 4.41
N LYS A 266 -3.93 -7.42 5.41
CA LYS A 266 -4.36 -6.04 5.29
C LYS A 266 -3.65 -5.29 4.17
N TRP A 267 -2.47 -5.72 3.76
CA TRP A 267 -1.74 -5.03 2.72
C TRP A 267 -1.97 -5.63 1.34
N LEU A 268 -2.61 -6.79 1.26
CA LEU A 268 -2.81 -7.51 0.00
C LEU A 268 -4.27 -7.50 -0.42
N ARG A 269 -5.09 -6.62 0.18
CA ARG A 269 -6.52 -6.57 -0.07
C ARG A 269 -6.87 -6.14 -1.49
N ASP A 270 -5.93 -5.56 -2.22
CA ASP A 270 -6.20 -5.12 -3.57
C ASP A 270 -5.49 -5.96 -4.62
N THR A 271 -4.85 -7.04 -4.22
CA THR A 271 -4.13 -7.87 -5.20
C THR A 271 -4.89 -9.13 -5.58
N SER A 272 -5.14 -9.27 -6.87
CA SER A 272 -5.84 -10.43 -7.40
C SER A 272 -4.90 -11.61 -7.40
N VAL A 273 -5.46 -12.81 -7.33
CA VAL A 273 -4.67 -14.02 -7.29
C VAL A 273 -4.94 -14.97 -8.44
N ILE A 274 -3.94 -15.23 -9.27
CA ILE A 274 -4.10 -16.20 -10.34
C ILE A 274 -3.65 -17.51 -9.77
N LEU A 275 -4.54 -18.48 -9.72
CA LEU A 275 -4.31 -19.71 -8.99
C LEU A 275 -4.19 -20.86 -9.98
N PHE A 276 -3.05 -21.53 -9.97
CA PHE A 276 -2.83 -22.68 -10.82
C PHE A 276 -2.90 -23.93 -9.96
N LEU A 277 -3.73 -24.87 -10.37
CA LEU A 277 -3.82 -26.17 -9.74
C LEU A 277 -3.08 -27.13 -10.64
N ASN A 278 -1.98 -27.66 -10.16
CA ASN A 278 -1.05 -28.42 -10.97
C ASN A 278 -1.21 -29.91 -10.74
N LYS A 279 -0.43 -30.69 -11.49
CA LYS A 279 -0.37 -32.14 -11.36
C LYS A 279 -1.77 -32.75 -11.41
N GLN A 280 -2.54 -32.35 -12.41
CA GLN A 280 -3.89 -32.88 -12.57
C GLN A 280 -3.88 -34.36 -12.88
N ASP A 281 -2.85 -34.86 -13.58
CA ASP A 281 -2.83 -36.27 -13.93
C ASP A 281 -2.52 -37.14 -12.72
N LEU A 282 -1.80 -36.61 -11.73
CA LEU A 282 -1.55 -37.41 -10.54
C LEU A 282 -2.81 -37.48 -9.70
N LEU A 283 -3.56 -36.38 -9.66
CA LEU A 283 -4.86 -36.40 -8.98
C LEU A 283 -5.80 -37.35 -9.67
N ALA A 284 -5.82 -37.33 -11.00
CA ALA A 284 -6.69 -38.24 -11.75
C ALA A 284 -6.34 -39.69 -11.46
N GLU A 285 -5.05 -40.02 -11.46
CA GLU A 285 -4.65 -41.40 -11.21
C GLU A 285 -4.94 -41.81 -9.78
N LYS A 286 -4.72 -40.91 -8.83
CA LYS A 286 -4.99 -41.22 -7.44
C LYS A 286 -6.48 -41.44 -7.20
N VAL A 287 -7.33 -40.62 -7.82
CA VAL A 287 -8.77 -40.73 -7.60
C VAL A 287 -9.34 -41.96 -8.30
N LEU A 288 -8.93 -42.22 -9.55
CA LEU A 288 -9.51 -43.34 -10.27
C LEU A 288 -9.03 -44.68 -9.71
N ALA A 289 -7.83 -44.72 -9.14
CA ALA A 289 -7.30 -45.95 -8.55
C ALA A 289 -8.26 -46.55 -7.52
N LYS A 293 -10.74 -41.20 -1.35
CA LYS A 293 -9.66 -41.00 -0.38
C LYS A 293 -9.71 -39.60 0.20
N ILE A 294 -10.35 -38.67 -0.53
CA ILE A 294 -10.45 -37.29 -0.07
C ILE A 294 -11.25 -37.24 1.23
N GLU A 295 -12.26 -38.09 1.38
CA GLU A 295 -13.08 -38.05 2.58
C GLU A 295 -12.26 -38.29 3.85
N ASP A 296 -11.05 -38.82 3.72
CA ASP A 296 -10.19 -39.02 4.87
C ASP A 296 -9.45 -37.74 5.24
N TYR A 297 -9.53 -36.72 4.40
CA TYR A 297 -9.01 -35.39 4.65
C TYR A 297 -10.07 -34.32 4.55
N PHE A 298 -11.05 -34.48 3.68
CA PHE A 298 -12.10 -33.48 3.44
C PHE A 298 -13.44 -34.19 3.43
N PRO A 299 -13.98 -34.51 4.62
CA PRO A 299 -15.21 -35.31 4.70
C PRO A 299 -16.37 -34.81 3.85
N GLU A 300 -16.53 -33.49 3.69
CA GLU A 300 -17.64 -32.97 2.91
C GLU A 300 -17.58 -33.42 1.45
N PHE A 301 -16.42 -33.89 1.00
CA PHE A 301 -16.33 -34.40 -0.37
C PHE A 301 -17.28 -35.56 -0.58
N ALA A 302 -17.60 -36.30 0.48
CA ALA A 302 -18.55 -37.40 0.36
C ALA A 302 -19.93 -36.94 -0.09
N ARG A 303 -20.27 -35.68 0.15
CA ARG A 303 -21.58 -35.14 -0.23
C ARG A 303 -21.50 -34.13 -1.36
N TYR A 304 -20.33 -33.96 -1.96
CA TYR A 304 -20.17 -32.99 -3.03
C TYR A 304 -20.62 -33.57 -4.38
N THR A 305 -21.29 -32.73 -5.17
CA THR A 305 -21.67 -33.09 -6.52
C THR A 305 -21.10 -32.07 -7.50
N THR A 306 -20.74 -32.55 -8.69
CA THR A 306 -20.19 -31.68 -9.72
C THR A 306 -21.22 -30.62 -10.11
N PRO A 307 -20.84 -29.35 -10.19
CA PRO A 307 -21.79 -28.33 -10.64
C PRO A 307 -22.30 -28.65 -12.05
N GLU A 308 -23.56 -28.30 -12.30
CA GLU A 308 -24.14 -28.56 -13.61
C GLU A 308 -23.47 -27.75 -14.71
N ASP A 309 -22.80 -26.67 -14.36
CA ASP A 309 -22.12 -25.80 -15.34
C ASP A 309 -20.63 -26.09 -15.44
N ALA A 310 -20.19 -27.24 -14.95
CA ALA A 310 -18.80 -27.67 -15.08
C ALA A 310 -18.51 -27.99 -16.53
N THR A 311 -17.29 -27.71 -16.98
CA THR A 311 -16.87 -27.98 -18.36
C THR A 311 -15.59 -28.81 -18.34
N PRO A 312 -15.70 -30.08 -17.96
CA PRO A 312 -14.51 -30.94 -17.91
C PRO A 312 -14.01 -31.29 -19.30
N GLU A 313 -12.74 -31.67 -19.36
CA GLU A 313 -12.17 -32.10 -20.62
C GLU A 313 -12.73 -33.46 -20.99
N PRO A 314 -12.87 -33.74 -22.29
CA PRO A 314 -13.30 -35.08 -22.72
C PRO A 314 -12.33 -36.16 -22.24
N GLY A 315 -12.91 -37.30 -21.84
CA GLY A 315 -12.14 -38.44 -21.41
C GLY A 315 -11.93 -38.56 -19.91
N GLU A 316 -12.27 -37.54 -19.14
CA GLU A 316 -12.06 -37.59 -17.70
C GLU A 316 -13.09 -38.48 -17.00
N ASP A 317 -12.61 -39.18 -15.98
CA ASP A 317 -13.49 -40.00 -15.14
C ASP A 317 -14.27 -39.07 -14.22
N PRO A 318 -15.61 -39.15 -14.20
CA PRO A 318 -16.39 -38.22 -13.37
C PRO A 318 -15.87 -38.05 -11.96
N ARG A 319 -15.20 -39.07 -11.41
CA ARG A 319 -14.61 -38.91 -10.09
C ARG A 319 -13.46 -37.92 -10.11
N VAL A 320 -12.75 -37.84 -11.23
CA VAL A 320 -11.66 -36.88 -11.35
C VAL A 320 -12.21 -35.47 -11.46
N THR A 321 -13.31 -35.30 -12.20
CA THR A 321 -13.95 -34.00 -12.29
C THR A 321 -14.51 -33.57 -10.95
N ARG A 322 -15.07 -34.51 -10.18
CA ARG A 322 -15.53 -34.15 -8.85
C ARG A 322 -14.38 -33.71 -7.97
N ALA A 323 -13.25 -34.42 -8.03
CA ALA A 323 -12.11 -34.03 -7.22
C ALA A 323 -11.58 -32.65 -7.61
N LYS A 324 -11.46 -32.40 -8.90
CA LYS A 324 -10.92 -31.11 -9.34
C LYS A 324 -11.83 -29.97 -8.93
N TYR A 325 -13.13 -30.12 -9.15
CA TYR A 325 -14.04 -29.04 -8.82
C TYR A 325 -14.23 -28.91 -7.32
N PHE A 326 -14.11 -30.00 -6.57
CA PHE A 326 -14.14 -29.90 -5.12
C PHE A 326 -13.01 -29.05 -4.60
N ILE A 327 -11.78 -29.32 -5.07
CA ILE A 327 -10.63 -28.55 -4.62
C ILE A 327 -10.74 -27.09 -5.05
N ARG A 328 -11.11 -26.87 -6.32
CA ARG A 328 -11.30 -25.50 -6.78
C ARG A 328 -12.31 -24.76 -5.92
N ASP A 329 -13.42 -25.42 -5.59
CA ASP A 329 -14.44 -24.80 -4.77
C ASP A 329 -13.95 -24.57 -3.35
N GLU A 330 -13.03 -25.40 -2.86
CA GLU A 330 -12.45 -25.18 -1.55
C GLU A 330 -11.66 -23.89 -1.51
N PHE A 331 -10.97 -23.57 -2.61
CA PHE A 331 -10.27 -22.29 -2.68
C PHE A 331 -11.24 -21.13 -2.89
N LEU A 332 -12.22 -21.33 -3.78
CA LEU A 332 -13.17 -20.27 -4.12
C LEU A 332 -14.08 -19.90 -2.95
N ARG A 333 -14.39 -20.84 -2.06
CA ARG A 333 -15.20 -20.47 -0.91
C ARG A 333 -14.50 -19.41 -0.06
N ILE A 334 -13.18 -19.54 0.12
CA ILE A 334 -12.43 -18.52 0.85
C ILE A 334 -12.43 -17.22 0.06
N SER A 335 -12.16 -17.32 -1.24
CA SER A 335 -12.08 -16.14 -2.08
C SER A 335 -13.37 -15.33 -2.06
N THR A 336 -14.51 -16.01 -2.23
CA THR A 336 -15.80 -15.33 -2.22
C THR A 336 -16.17 -14.82 -0.84
N ALA A 337 -15.94 -15.62 0.21
CA ALA A 337 -16.36 -15.20 1.54
C ALA A 337 -15.65 -13.94 2.00
N SER A 338 -14.36 -13.81 1.70
CA SER A 338 -13.65 -12.64 2.20
C SER A 338 -13.67 -11.44 1.25
N GLY A 339 -13.82 -11.66 -0.05
CA GLY A 339 -13.73 -10.55 -0.99
C GLY A 339 -14.89 -9.58 -0.91
N ASP A 340 -14.58 -8.32 -1.16
CA ASP A 340 -15.56 -7.24 -1.14
C ASP A 340 -15.56 -6.46 -2.45
N GLY A 341 -15.30 -7.17 -3.55
CA GLY A 341 -15.26 -6.56 -4.86
C GLY A 341 -13.96 -5.86 -5.21
N ARG A 342 -12.97 -5.91 -4.33
CA ARG A 342 -11.68 -5.25 -4.56
C ARG A 342 -10.66 -6.13 -5.26
N HIS A 343 -10.78 -7.44 -5.11
CA HIS A 343 -9.86 -8.36 -5.75
C HIS A 343 -10.54 -9.72 -5.95
N TYR A 344 -10.07 -10.47 -6.94
CA TYR A 344 -10.69 -11.73 -7.33
C TYR A 344 -9.63 -12.79 -7.58
N CYS A 345 -10.05 -14.04 -7.47
CA CYS A 345 -9.23 -15.21 -7.75
C CYS A 345 -9.58 -15.79 -9.12
N TYR A 346 -8.56 -16.20 -9.88
CA TYR A 346 -8.75 -16.77 -11.22
C TYR A 346 -8.15 -18.17 -11.27
N PRO A 347 -8.83 -19.16 -10.68
CA PRO A 347 -8.27 -20.52 -10.65
C PRO A 347 -8.26 -21.18 -12.01
N HIS A 348 -7.22 -21.99 -12.24
CA HIS A 348 -7.03 -22.75 -13.47
C HIS A 348 -6.56 -24.16 -13.16
N PHE A 349 -6.90 -25.10 -14.03
CA PHE A 349 -6.51 -26.51 -13.92
C PHE A 349 -5.44 -26.79 -14.97
N THR A 350 -4.18 -26.87 -14.54
CA THR A 350 -3.11 -27.04 -15.50
C THR A 350 -2.34 -28.34 -15.27
N CYS A 351 -1.68 -28.79 -16.33
CA CYS A 351 -0.82 -29.96 -16.35
C CYS A 351 0.62 -29.56 -16.06
N ALA A 352 1.42 -30.56 -15.71
CA ALA A 352 2.85 -30.30 -15.48
C ALA A 352 3.51 -29.72 -16.72
N VAL A 353 3.11 -30.19 -17.91
CA VAL A 353 3.64 -29.68 -19.17
C VAL A 353 2.48 -29.10 -19.95
N ASP A 354 2.46 -27.78 -20.08
CA ASP A 354 1.40 -27.08 -20.80
C ASP A 354 1.93 -25.68 -21.10
N THR A 355 2.17 -25.37 -22.37
CA THR A 355 2.69 -24.05 -22.72
C THR A 355 1.62 -22.99 -22.75
N GLU A 356 0.35 -23.40 -22.85
CA GLU A 356 -0.74 -22.44 -22.94
C GLU A 356 -0.81 -21.60 -21.68
N ASN A 357 -0.15 -22.02 -20.61
CA ASN A 357 -0.17 -21.24 -19.37
C ASN A 357 0.33 -19.83 -19.61
N ILE A 358 1.21 -19.65 -20.61
CA ILE A 358 1.74 -18.31 -20.86
C ILE A 358 0.65 -17.34 -21.27
N ARG A 359 -0.38 -17.82 -21.96
CA ARG A 359 -1.46 -16.89 -22.29
C ARG A 359 -2.47 -16.80 -21.16
N ARG A 360 -2.62 -17.84 -20.34
CA ARG A 360 -3.59 -17.76 -19.26
C ARG A 360 -3.27 -16.61 -18.32
N VAL A 361 -1.99 -16.35 -18.08
CA VAL A 361 -1.62 -15.21 -17.25
C VAL A 361 -1.98 -13.91 -17.97
N PHE A 362 -1.65 -13.82 -19.26
CA PHE A 362 -1.88 -12.60 -20.02
C PHE A 362 -3.35 -12.21 -19.93
N ASN A 363 -4.23 -13.14 -20.26
CA ASN A 363 -5.65 -12.83 -20.28
C ASN A 363 -6.13 -12.51 -18.87
N ASP A 364 -5.60 -13.22 -17.88
CA ASP A 364 -6.05 -12.98 -16.52
C ASP A 364 -5.65 -11.59 -16.09
N CYS A 365 -4.41 -11.18 -16.43
CA CYS A 365 -3.98 -9.85 -16.07
C CYS A 365 -4.87 -8.82 -16.74
N ARG A 366 -5.20 -9.06 -18.01
CA ARG A 366 -6.07 -8.12 -18.70
C ARG A 366 -7.37 -7.98 -17.94
N ASP A 367 -7.97 -9.11 -17.56
CA ASP A 367 -9.27 -9.03 -16.91
C ASP A 367 -9.15 -8.24 -15.63
N ILE A 368 -8.04 -8.42 -14.91
CA ILE A 368 -7.88 -7.72 -13.64
C ILE A 368 -7.96 -6.23 -13.88
N ILE A 369 -7.16 -5.75 -14.83
CA ILE A 369 -7.09 -4.32 -15.05
C ILE A 369 -8.43 -3.81 -15.52
N GLN A 370 -9.09 -4.56 -16.42
CA GLN A 370 -10.35 -4.06 -16.94
C GLN A 370 -11.34 -3.87 -15.82
N ARG A 371 -11.47 -4.88 -14.96
CA ARG A 371 -12.53 -4.72 -13.99
C ARG A 371 -12.13 -3.69 -12.97
N MET A 372 -10.83 -3.52 -12.75
CA MET A 372 -10.39 -2.45 -11.87
C MET A 372 -10.91 -1.13 -12.36
N HIS A 373 -10.64 -0.83 -13.62
CA HIS A 373 -11.13 0.42 -14.19
C HIS A 373 -12.64 0.45 -14.20
N LEU A 374 -13.28 -0.66 -14.57
CA LEU A 374 -14.74 -0.69 -14.59
C LEU A 374 -15.29 -0.43 -13.21
N ARG A 375 -14.60 -0.89 -12.17
CA ARG A 375 -15.07 -0.63 -10.83
C ARG A 375 -15.02 0.86 -10.52
N GLN A 376 -14.01 1.54 -11.05
CA GLN A 376 -13.77 2.95 -10.83
C GLN A 376 -14.74 3.88 -11.57
N TYR A 377 -15.18 3.44 -12.75
CA TYR A 377 -16.08 4.23 -13.56
C TYR A 377 -17.52 4.01 -13.14
N GLU A 378 -17.76 3.10 -12.20
CA GLU A 378 -19.06 2.72 -11.69
C GLU A 378 -19.88 1.90 -12.67
N LEU A 379 -19.20 1.29 -13.64
CA LEU A 379 -19.87 0.44 -14.62
C LEU A 379 -19.85 -1.01 -14.16
N LEU A 380 -19.49 -1.22 -12.90
CA LEU A 380 -19.42 -2.56 -12.33
C LEU A 380 -19.44 -2.46 -10.80
N GLU B 21 18.27 -35.80 29.22
CA GLU B 21 19.04 -34.59 29.48
C GLU B 21 18.33 -33.33 28.99
N LEU B 22 17.61 -33.46 27.87
CA LEU B 22 17.01 -32.30 27.23
C LEU B 22 16.02 -31.61 28.16
N ASP B 23 15.23 -32.40 28.91
CA ASP B 23 14.31 -31.79 29.85
C ASP B 23 15.06 -31.20 31.03
N GLN B 24 16.19 -31.79 31.41
CA GLN B 24 16.96 -31.26 32.52
C GLN B 24 17.69 -29.98 32.13
N LEU B 25 18.20 -29.91 30.90
CA LEU B 25 18.78 -28.66 30.43
C LEU B 25 17.73 -27.58 30.30
N ARG B 26 16.52 -27.95 29.85
CA ARG B 26 15.44 -26.99 29.78
C ARG B 26 15.07 -26.48 31.17
N GLN B 27 15.04 -27.38 32.16
CA GLN B 27 14.78 -26.97 33.54
C GLN B 27 15.87 -26.04 34.06
N GLU B 28 17.13 -26.31 33.69
CA GLU B 28 18.23 -25.43 34.09
C GLU B 28 18.06 -24.04 33.49
N ALA B 29 17.64 -24.00 32.22
CA ALA B 29 17.39 -22.72 31.56
C ALA B 29 16.25 -21.98 32.25
N GLU B 30 15.21 -22.71 32.67
CA GLU B 30 14.10 -22.07 33.38
C GLU B 30 14.54 -21.54 34.74
N GLN B 31 15.44 -22.26 35.41
CA GLN B 31 15.96 -21.76 36.69
C GLN B 31 16.77 -20.49 36.50
N LEU B 32 17.57 -20.44 35.43
CA LEU B 32 18.33 -19.22 35.16
C LEU B 32 17.40 -18.07 34.80
N LYS B 33 16.34 -18.36 34.05
CA LYS B 33 15.36 -17.32 33.74
C LYS B 33 14.68 -16.79 35.00
N ASN B 34 14.38 -17.69 35.94
CA ASN B 34 13.78 -17.26 37.19
C ASN B 34 14.74 -16.41 38.00
N GLN B 35 16.03 -16.76 37.99
CA GLN B 35 17.01 -15.96 38.70
C GLN B 35 17.12 -14.57 38.09
N ILE B 36 17.08 -14.49 36.76
CA ILE B 36 17.14 -13.20 36.09
C ILE B 36 15.90 -12.37 36.41
N ARG B 37 14.72 -12.97 36.37
CA ARG B 37 13.50 -12.24 36.71
C ARG B 37 13.54 -11.72 38.14
N ASP B 38 14.02 -12.54 39.07
CA ASP B 38 14.07 -12.10 40.47
C ASP B 38 15.11 -11.01 40.67
N ALA B 39 16.26 -11.13 40.01
CA ALA B 39 17.28 -10.10 40.09
C ALA B 39 16.78 -8.78 39.51
N ARG B 40 15.96 -8.84 38.47
CA ARG B 40 15.43 -7.60 37.90
C ARG B 40 14.36 -7.00 38.80
N LYS B 41 13.50 -7.83 39.40
CA LYS B 41 12.52 -7.30 40.33
C LYS B 41 13.21 -6.62 41.52
N ALA B 42 14.35 -7.17 41.95
CA ALA B 42 15.07 -6.63 43.09
C ALA B 42 15.51 -5.18 42.88
N CYS B 43 15.70 -4.76 41.64
CA CYS B 43 16.20 -3.42 41.35
C CYS B 43 15.10 -2.40 41.07
N ALA B 44 13.84 -2.84 41.02
CA ALA B 44 12.72 -1.97 40.65
C ALA B 44 12.17 -1.25 41.88
N ASP B 45 12.98 -0.30 42.40
CA ASP B 45 12.51 0.46 43.57
C ASP B 45 11.42 1.45 43.18
N ALA B 46 11.47 2.00 41.98
CA ALA B 46 10.48 2.97 41.54
C ALA B 46 10.45 2.95 40.03
N THR B 47 9.32 3.37 39.48
CA THR B 47 9.18 3.49 38.05
C THR B 47 9.58 4.88 37.58
N LEU B 48 9.78 5.00 36.27
CA LEU B 48 10.07 6.32 35.69
C LEU B 48 8.90 7.26 35.86
N SER B 49 7.67 6.74 35.70
CA SER B 49 6.49 7.58 35.77
C SER B 49 6.25 8.14 37.17
N GLN B 50 6.90 7.60 38.20
CA GLN B 50 6.76 8.12 39.56
C GLN B 50 7.83 9.14 39.89
N ILE B 51 8.78 9.37 39.00
CA ILE B 51 9.86 10.33 39.21
C ILE B 51 9.63 11.60 38.40
N THR B 52 9.21 11.46 37.15
CA THR B 52 9.02 12.57 36.23
C THR B 52 7.66 13.24 36.39
N ASN B 53 6.85 12.84 37.37
CA ASN B 53 5.56 13.51 37.56
C ASN B 53 5.69 14.93 38.05
N ASN B 54 6.87 15.33 38.53
CA ASN B 54 7.12 16.69 38.99
C ASN B 54 7.81 17.54 37.94
N ILE B 55 7.84 17.09 36.69
CA ILE B 55 8.51 17.77 35.60
C ILE B 55 7.45 18.42 34.72
N ASP B 56 7.63 19.70 34.43
CA ASP B 56 6.65 20.40 33.63
C ASP B 56 6.50 19.72 32.27
N PRO B 57 5.28 19.63 31.75
CA PRO B 57 5.08 18.99 30.45
C PRO B 57 5.65 19.85 29.32
N VAL B 58 5.97 19.18 28.22
CA VAL B 58 6.46 19.88 27.04
C VAL B 58 5.39 20.78 26.42
N GLY B 59 4.12 20.49 26.64
CA GLY B 59 3.06 21.27 26.04
C GLY B 59 2.72 20.74 24.66
N ARG B 60 1.98 21.54 23.90
CA ARG B 60 1.54 21.12 22.58
C ARG B 60 2.62 21.38 21.55
N ILE B 61 2.94 20.37 20.76
CA ILE B 61 3.93 20.47 19.70
C ILE B 61 3.23 20.39 18.35
N GLN B 62 3.38 21.46 17.56
CA GLN B 62 2.73 21.60 16.26
C GLN B 62 3.81 21.79 15.21
N MET B 63 4.25 20.70 14.61
CA MET B 63 5.23 20.82 13.55
C MET B 63 4.50 21.05 12.25
N ARG B 64 5.16 21.72 11.33
CA ARG B 64 4.57 22.01 10.03
C ARG B 64 5.51 21.56 8.94
N THR B 65 4.92 21.06 7.86
CA THR B 65 5.71 20.65 6.72
C THR B 65 6.32 21.87 6.08
N ARG B 66 7.62 21.83 5.86
CA ARG B 66 8.33 22.92 5.21
C ARG B 66 8.63 22.58 3.77
N ARG B 67 9.01 21.33 3.51
CA ARG B 67 9.38 20.90 2.18
C ARG B 67 8.79 19.52 1.92
N THR B 68 8.48 19.28 0.66
CA THR B 68 8.02 17.97 0.22
C THR B 68 8.91 17.59 -0.95
N LEU B 69 9.41 16.37 -0.93
CA LEU B 69 10.34 15.91 -1.93
C LEU B 69 9.61 14.89 -2.80
N ARG B 70 9.56 15.15 -4.10
CA ARG B 70 8.84 14.32 -5.04
C ARG B 70 9.78 13.80 -6.10
N GLY B 71 9.45 12.63 -6.66
CA GLY B 71 10.29 12.04 -7.68
C GLY B 71 10.28 10.54 -7.68
N HIS B 72 10.09 9.91 -6.53
CA HIS B 72 9.96 8.47 -6.47
C HIS B 72 8.63 8.05 -7.09
N LEU B 73 8.61 6.86 -7.67
CA LEU B 73 7.41 6.31 -8.26
C LEU B 73 6.73 5.28 -7.37
N ALA B 74 7.51 4.42 -6.74
CA ALA B 74 7.02 3.37 -5.87
C ALA B 74 7.15 3.80 -4.42
N LYS B 75 6.52 3.02 -3.55
CA LYS B 75 6.58 3.25 -2.11
C LYS B 75 8.02 3.35 -1.64
N ILE B 76 8.28 4.29 -0.72
CA ILE B 76 9.62 4.50 -0.17
C ILE B 76 9.82 3.59 1.03
N TYR B 77 10.87 2.77 0.99
CA TYR B 77 11.18 1.92 2.13
C TYR B 77 12.20 2.48 3.10
N ALA B 78 13.14 3.30 2.67
CA ALA B 78 14.20 3.72 3.57
C ALA B 78 14.61 5.16 3.29
N MET B 79 15.06 5.82 4.35
CA MET B 79 15.54 7.19 4.32
C MET B 79 16.65 7.33 5.35
N HIS B 80 17.68 8.11 5.05
CA HIS B 80 18.70 8.35 6.06
C HIS B 80 19.37 9.70 5.83
N TRP B 81 19.47 10.49 6.91
CA TRP B 81 20.14 11.79 6.87
C TRP B 81 21.65 11.63 6.88
N GLY B 82 22.34 12.52 6.18
CA GLY B 82 23.78 12.56 6.27
C GLY B 82 24.22 13.30 7.52
N THR B 83 25.52 13.31 7.76
CA THR B 83 26.06 13.91 8.98
C THR B 83 26.16 15.42 8.93
N ASP B 84 25.96 16.03 7.77
CA ASP B 84 25.97 17.48 7.65
C ASP B 84 24.60 18.09 7.86
N SER B 85 23.60 17.27 8.17
CA SER B 85 22.21 17.69 8.39
C SER B 85 21.62 18.39 7.17
N ARG B 86 22.18 18.17 5.99
CA ARG B 86 21.69 18.82 4.78
C ARG B 86 21.30 17.87 3.65
N LEU B 87 21.91 16.69 3.55
CA LEU B 87 21.63 15.78 2.47
C LEU B 87 20.87 14.55 2.96
N LEU B 88 20.02 14.03 2.09
CA LEU B 88 19.23 12.84 2.33
C LEU B 88 19.48 11.80 1.25
N VAL B 89 19.39 10.54 1.63
CA VAL B 89 19.31 9.45 0.67
C VAL B 89 17.97 8.76 0.91
N SER B 90 17.27 8.44 -0.17
CA SER B 90 16.02 7.70 -0.01
C SER B 90 15.97 6.61 -1.05
N ALA B 91 15.23 5.55 -0.75
CA ALA B 91 15.15 4.37 -1.59
C ALA B 91 13.71 3.99 -1.81
N SER B 92 13.33 3.78 -3.07
CA SER B 92 11.97 3.33 -3.33
C SER B 92 12.02 1.91 -3.85
N GLN B 93 10.84 1.37 -4.15
CA GLN B 93 10.73 0.01 -4.68
C GLN B 93 10.85 -0.02 -6.18
N ASP B 94 11.08 1.12 -6.83
CA ASP B 94 11.29 1.15 -8.27
C ASP B 94 12.63 0.56 -8.63
N GLY B 95 13.62 0.76 -7.78
CA GLY B 95 14.98 0.42 -8.08
C GLY B 95 15.82 1.68 -8.13
N LYS B 96 15.44 2.67 -7.34
CA LYS B 96 16.17 3.94 -7.30
C LYS B 96 16.51 4.36 -5.88
N LEU B 97 17.70 4.98 -5.79
CA LEU B 97 18.11 5.80 -4.67
C LEU B 97 18.19 7.22 -5.18
N ILE B 98 17.73 8.17 -4.40
CA ILE B 98 17.88 9.57 -4.77
C ILE B 98 18.57 10.27 -3.63
N ILE B 99 19.60 11.06 -3.95
CA ILE B 99 20.25 11.93 -2.99
C ILE B 99 19.61 13.30 -3.15
N TRP B 100 19.17 13.87 -2.05
CA TRP B 100 18.44 15.12 -2.06
C TRP B 100 19.20 16.16 -1.26
N ASP B 101 19.00 17.41 -1.65
CA ASP B 101 19.48 18.55 -0.90
C ASP B 101 18.24 19.08 -0.21
N SER B 102 18.10 18.77 1.07
CA SER B 102 16.88 19.11 1.80
C SER B 102 16.62 20.61 1.79
N TYR B 103 17.67 21.44 1.76
CA TYR B 103 17.45 22.89 1.78
C TYR B 103 16.80 23.38 0.50
N THR B 104 17.39 23.07 -0.65
CA THR B 104 16.90 23.59 -1.93
C THR B 104 16.02 22.61 -2.68
N THR B 105 15.74 21.43 -2.11
CA THR B 105 14.86 20.43 -2.71
C THR B 105 15.38 19.89 -4.04
N ASN B 106 16.57 20.31 -4.44
CA ASN B 106 17.17 19.82 -5.67
C ASN B 106 17.68 18.40 -5.46
N LYS B 107 17.71 17.64 -6.55
CA LYS B 107 18.30 16.32 -6.52
C LYS B 107 19.78 16.43 -6.83
N VAL B 108 20.56 15.52 -6.28
CA VAL B 108 22.00 15.48 -6.52
C VAL B 108 22.37 14.26 -7.35
N HIS B 109 21.87 13.08 -6.97
CA HIS B 109 22.10 11.85 -7.70
C HIS B 109 20.81 11.07 -7.73
N ALA B 110 20.73 10.15 -8.70
CA ALA B 110 19.60 9.25 -8.85
C ALA B 110 20.19 7.93 -9.35
N ILE B 111 20.43 7.02 -8.43
CA ILE B 111 21.19 5.80 -8.68
C ILE B 111 20.20 4.69 -9.02
N PRO B 112 20.25 4.11 -10.21
CA PRO B 112 19.46 2.90 -10.48
C PRO B 112 20.08 1.71 -9.80
N LEU B 113 19.23 0.79 -9.36
CA LEU B 113 19.67 -0.39 -8.64
C LEU B 113 19.57 -1.64 -9.50
N ARG B 114 20.43 -2.61 -9.22
CA ARG B 114 20.39 -3.88 -9.94
C ARG B 114 19.06 -4.58 -9.77
N SER B 115 18.45 -4.45 -8.59
CA SER B 115 17.15 -5.05 -8.32
C SER B 115 16.27 -4.03 -7.63
N SER B 116 14.97 -4.13 -7.86
CA SER B 116 14.04 -3.14 -7.34
C SER B 116 13.60 -3.39 -5.91
N TRP B 117 13.79 -4.58 -5.38
CA TRP B 117 13.25 -4.92 -4.07
C TRP B 117 14.28 -4.57 -2.99
N VAL B 118 14.44 -3.26 -2.79
CA VAL B 118 15.37 -2.72 -1.81
C VAL B 118 14.57 -2.32 -0.57
N MET B 119 15.04 -2.72 0.60
CA MET B 119 14.34 -2.54 1.85
C MET B 119 15.04 -1.57 2.80
N THR B 120 16.32 -1.29 2.59
CA THR B 120 17.07 -0.42 3.47
C THR B 120 18.08 0.41 2.69
N CYS B 121 18.51 1.51 3.29
CA CYS B 121 19.61 2.32 2.77
C CYS B 121 20.30 2.99 3.94
N ALA B 122 21.53 3.45 3.72
CA ALA B 122 22.29 4.14 4.74
C ALA B 122 23.25 5.11 4.09
N TYR B 123 23.50 6.22 4.76
CA TYR B 123 24.40 7.25 4.28
C TYR B 123 25.67 7.20 5.13
N ALA B 124 26.82 7.10 4.48
CA ALA B 124 28.07 6.98 5.22
C ALA B 124 28.33 8.24 6.06
N PRO B 125 28.95 8.08 7.24
CA PRO B 125 29.22 9.26 8.07
C PRO B 125 30.17 10.25 7.43
N SER B 126 30.96 9.81 6.46
CA SER B 126 31.86 10.69 5.72
C SER B 126 31.18 11.32 4.51
N GLY B 127 30.05 10.79 4.08
CA GLY B 127 29.38 11.25 2.90
C GLY B 127 29.93 10.71 1.60
N ASN B 128 30.88 9.79 1.66
CA ASN B 128 31.52 9.27 0.46
C ASN B 128 30.76 8.10 -0.14
N TYR B 129 30.02 7.34 0.67
CA TYR B 129 29.41 6.09 0.25
C TYR B 129 27.94 6.04 0.63
N VAL B 130 27.20 5.24 -0.16
CA VAL B 130 25.79 4.92 0.09
C VAL B 130 25.65 3.41 0.07
N ALA B 131 24.96 2.86 1.06
CA ALA B 131 24.72 1.43 1.13
C ALA B 131 23.23 1.16 0.94
N CYS B 132 22.91 0.00 0.36
CA CYS B 132 21.51 -0.40 0.25
C CYS B 132 21.46 -1.91 0.05
N GLY B 133 20.26 -2.45 0.14
CA GLY B 133 20.03 -3.84 -0.16
C GLY B 133 18.61 -4.23 0.17
N GLY B 134 18.31 -5.51 -0.02
CA GLY B 134 16.95 -5.96 0.25
C GLY B 134 16.71 -7.43 0.01
N LEU B 135 15.77 -7.75 -0.87
CA LEU B 135 15.39 -9.16 -1.05
C LEU B 135 16.43 -9.94 -1.83
N ASP B 136 17.43 -9.29 -2.40
CA ASP B 136 18.49 -9.99 -3.12
C ASP B 136 19.56 -10.56 -2.20
N ASN B 137 19.48 -10.30 -0.89
CA ASN B 137 20.44 -10.74 0.13
C ASN B 137 21.84 -10.19 -0.09
N ILE B 138 21.98 -9.10 -0.83
CA ILE B 138 23.27 -8.51 -1.13
C ILE B 138 23.24 -7.05 -0.71
N CYS B 139 24.28 -6.60 -0.02
CA CYS B 139 24.42 -5.20 0.35
C CYS B 139 25.35 -4.52 -0.65
N SER B 140 24.80 -3.58 -1.42
CA SER B 140 25.53 -2.87 -2.45
C SER B 140 26.00 -1.54 -1.89
N ILE B 141 27.28 -1.26 -2.06
CA ILE B 141 27.94 -0.05 -1.60
C ILE B 141 28.39 0.73 -2.82
N TYR B 142 27.84 1.94 -2.95
CA TYR B 142 28.07 2.88 -4.05
C TYR B 142 29.01 3.98 -3.58
N ASN B 143 29.96 4.33 -4.43
CA ASN B 143 30.90 5.41 -4.16
C ASN B 143 30.35 6.67 -4.80
N LEU B 144 29.98 7.66 -3.97
CA LEU B 144 29.38 8.88 -4.50
C LEU B 144 30.40 9.87 -5.04
N LYS B 145 31.66 9.76 -4.62
CA LYS B 145 32.69 10.72 -4.99
C LYS B 145 33.78 9.99 -5.76
N THR B 146 33.71 10.07 -7.08
CA THR B 146 34.63 9.40 -7.99
C THR B 146 35.30 10.44 -8.89
N ARG B 147 36.43 10.07 -9.47
CA ARG B 147 37.17 11.00 -10.31
C ARG B 147 36.43 11.33 -11.59
N GLU B 148 35.63 10.40 -12.11
CA GLU B 148 34.82 10.69 -13.28
C GLU B 148 33.55 11.47 -12.94
N GLY B 149 33.16 11.52 -11.68
CA GLY B 149 31.92 12.12 -11.26
C GLY B 149 30.70 11.21 -11.33
N ASN B 150 30.86 9.99 -11.81
CA ASN B 150 29.76 9.04 -11.94
C ASN B 150 29.69 8.13 -10.73
N VAL B 151 28.46 7.83 -10.31
CA VAL B 151 28.26 6.93 -9.18
C VAL B 151 28.40 5.49 -9.66
N ARG B 152 29.24 4.72 -8.98
CA ARG B 152 29.54 3.35 -9.35
C ARG B 152 29.42 2.46 -8.14
N VAL B 153 29.18 1.17 -8.41
CA VAL B 153 29.14 0.18 -7.34
C VAL B 153 30.57 -0.11 -6.94
N SER B 154 30.89 0.08 -5.68
CA SER B 154 32.23 -0.27 -5.23
C SER B 154 32.28 -1.66 -4.65
N ARG B 155 31.22 -2.09 -3.98
CA ARG B 155 31.21 -3.44 -3.41
C ARG B 155 29.81 -4.02 -3.42
N GLU B 156 29.74 -5.34 -3.58
CA GLU B 156 28.53 -6.10 -3.34
C GLU B 156 28.89 -7.17 -2.31
N LEU B 157 28.31 -7.06 -1.13
CA LEU B 157 28.60 -7.95 -0.01
C LEU B 157 27.52 -9.02 0.02
N ALA B 158 27.95 -10.27 -0.02
CA ALA B 158 27.05 -11.41 -0.12
C ALA B 158 27.50 -12.50 0.84
N GLY B 159 26.52 -13.20 1.40
CA GLY B 159 26.77 -14.23 2.39
C GLY B 159 25.54 -14.46 3.23
N HIS B 160 24.75 -13.41 3.46
CA HIS B 160 23.47 -13.56 4.13
C HIS B 160 22.56 -14.45 3.31
N THR B 161 21.82 -15.33 3.99
CA THR B 161 20.91 -16.23 3.30
C THR B 161 19.49 -15.70 3.22
N GLY B 162 19.11 -14.77 4.10
CA GLY B 162 17.80 -14.16 4.05
C GLY B 162 17.88 -12.74 3.51
N TYR B 163 16.71 -12.12 3.41
CA TYR B 163 16.64 -10.76 2.91
C TYR B 163 17.36 -9.81 3.86
N LEU B 164 17.94 -8.76 3.31
CA LEU B 164 18.70 -7.79 4.08
C LEU B 164 17.76 -6.70 4.59
N SER B 165 17.66 -6.57 5.91
CA SER B 165 16.66 -5.67 6.50
C SER B 165 17.21 -4.33 6.97
N CYS B 166 18.51 -4.22 7.24
CA CYS B 166 19.03 -2.96 7.77
C CYS B 166 20.54 -2.91 7.54
N CYS B 167 21.04 -1.71 7.26
CA CYS B 167 22.46 -1.44 7.11
C CYS B 167 22.83 -0.21 7.90
N ARG B 168 23.96 -0.26 8.59
CA ARG B 168 24.47 0.90 9.31
C ARG B 168 25.96 0.98 9.08
N PHE B 169 26.49 2.20 9.05
CA PHE B 169 27.89 2.45 8.76
C PHE B 169 28.63 2.80 10.05
N LEU B 170 29.71 2.08 10.32
CA LEU B 170 30.58 2.42 11.45
C LEU B 170 31.66 3.39 11.02
N ASP B 171 32.27 3.12 9.87
CA ASP B 171 33.32 3.93 9.30
C ASP B 171 33.31 3.62 7.81
N ASP B 172 34.20 4.27 7.07
CA ASP B 172 34.23 4.02 5.62
C ASP B 172 34.55 2.57 5.30
N ASN B 173 35.31 1.88 6.15
CA ASN B 173 35.72 0.51 5.89
C ASN B 173 34.95 -0.54 6.69
N GLN B 174 33.89 -0.18 7.42
CA GLN B 174 33.16 -1.17 8.19
C GLN B 174 31.68 -0.90 8.12
N ILE B 175 30.89 -1.93 7.87
CA ILE B 175 29.44 -1.78 7.82
C ILE B 175 28.78 -2.89 8.62
N VAL B 176 27.72 -2.56 9.34
CA VAL B 176 26.95 -3.52 10.12
C VAL B 176 25.61 -3.73 9.44
N THR B 177 25.26 -4.99 9.19
CA THR B 177 24.03 -5.34 8.51
C THR B 177 23.24 -6.33 9.35
N SER B 178 21.96 -6.47 9.00
CA SER B 178 21.09 -7.46 9.60
C SER B 178 20.22 -8.04 8.52
N SER B 179 19.82 -9.30 8.68
CA SER B 179 19.07 -9.96 7.64
C SER B 179 17.97 -10.82 8.24
N GLY B 180 17.11 -11.33 7.37
CA GLY B 180 15.99 -12.16 7.73
C GLY B 180 16.34 -13.58 8.06
N ASP B 181 17.63 -13.85 8.18
CA ASP B 181 18.10 -15.16 8.54
C ASP B 181 18.57 -15.17 9.98
N THR B 182 17.99 -14.31 10.82
CA THR B 182 18.21 -14.19 12.26
C THR B 182 19.66 -13.91 12.64
N THR B 183 20.48 -13.41 11.71
CA THR B 183 21.88 -13.14 12.00
C THR B 183 22.26 -11.73 11.56
N CYS B 184 23.01 -11.05 12.42
CA CYS B 184 23.61 -9.76 12.09
C CYS B 184 25.06 -10.00 11.71
N ALA B 185 25.65 -9.06 11.00
CA ALA B 185 27.03 -9.25 10.60
C ALA B 185 27.78 -7.93 10.54
N LEU B 186 29.07 -8.02 10.83
CA LEU B 186 30.01 -6.92 10.64
C LEU B 186 30.91 -7.28 9.47
N TRP B 187 30.91 -6.41 8.45
CA TRP B 187 31.62 -6.60 7.20
C TRP B 187 32.76 -5.60 7.09
N ASP B 188 33.88 -6.08 6.57
CA ASP B 188 35.02 -5.24 6.18
C ASP B 188 34.86 -4.95 4.69
N ILE B 189 34.51 -3.71 4.35
CA ILE B 189 34.09 -3.39 2.99
C ILE B 189 35.23 -3.61 1.99
N GLU B 190 36.45 -3.15 2.33
CA GLU B 190 37.53 -3.17 1.36
C GLU B 190 37.91 -4.58 0.95
N THR B 191 37.92 -5.51 1.89
CA THR B 191 38.26 -6.89 1.54
C THR B 191 37.04 -7.65 1.03
N GLY B 192 35.84 -7.18 1.36
CA GLY B 192 34.60 -7.76 0.91
C GLY B 192 34.17 -9.00 1.65
N GLN B 193 34.89 -9.37 2.71
CA GLN B 193 34.58 -10.56 3.49
C GLN B 193 33.86 -10.18 4.77
N GLN B 194 33.05 -11.10 5.26
CA GLN B 194 32.38 -10.94 6.54
C GLN B 194 33.38 -11.27 7.64
N THR B 195 33.45 -10.41 8.65
CA THR B 195 34.40 -10.63 9.74
C THR B 195 33.75 -11.05 11.03
N THR B 196 32.52 -10.60 11.31
CA THR B 196 31.89 -11.02 12.56
C THR B 196 30.44 -11.39 12.31
N THR B 197 30.00 -12.50 12.87
CA THR B 197 28.61 -12.93 12.79
C THR B 197 28.00 -12.91 14.19
N PHE B 198 26.83 -12.29 14.31
CA PHE B 198 26.13 -12.15 15.58
C PHE B 198 24.85 -12.98 15.47
N THR B 199 24.81 -14.10 16.20
CA THR B 199 23.67 -15.00 16.16
C THR B 199 23.01 -15.04 17.53
N GLY B 200 21.82 -15.60 17.58
CA GLY B 200 21.09 -15.69 18.82
C GLY B 200 19.64 -15.27 18.74
N HIS B 201 19.24 -14.54 17.70
CA HIS B 201 17.83 -14.30 17.51
C HIS B 201 17.21 -15.54 16.87
N THR B 202 15.91 -15.71 17.09
CA THR B 202 15.18 -16.82 16.49
C THR B 202 14.25 -16.39 15.38
N GLY B 203 13.88 -15.11 15.32
CA GLY B 203 13.12 -14.56 14.23
C GLY B 203 13.99 -13.65 13.37
N ASP B 204 13.37 -13.09 12.33
CA ASP B 204 14.06 -12.18 11.45
C ASP B 204 14.52 -10.97 12.25
N VAL B 205 15.68 -10.44 11.92
CA VAL B 205 16.15 -9.20 12.52
C VAL B 205 15.62 -8.03 11.71
N MET B 206 14.93 -7.11 12.37
CA MET B 206 14.24 -6.05 11.67
C MET B 206 14.97 -4.71 11.67
N SER B 207 15.69 -4.35 12.74
CA SER B 207 16.28 -3.03 12.80
C SER B 207 17.50 -3.02 13.70
N LEU B 208 18.50 -2.23 13.30
CA LEU B 208 19.75 -2.01 14.04
C LEU B 208 19.82 -0.57 14.52
N SER B 209 20.55 -0.36 15.60
CA SER B 209 20.87 0.98 16.06
C SER B 209 22.27 0.98 16.65
N LEU B 210 23.09 1.95 16.27
CA LEU B 210 24.46 2.04 16.74
C LEU B 210 24.57 3.03 17.89
N ALA B 211 25.45 2.72 18.82
CA ALA B 211 25.70 3.63 19.92
C ALA B 211 26.39 4.90 19.42
N PRO B 212 26.20 6.01 20.11
CA PRO B 212 26.93 7.23 19.75
C PRO B 212 28.44 7.03 19.65
N ASP B 213 29.01 6.12 20.44
CA ASP B 213 30.44 5.83 20.39
C ASP B 213 30.76 4.62 19.53
N THR B 214 29.77 4.08 18.83
CA THR B 214 29.87 2.90 17.97
C THR B 214 30.78 1.81 18.51
N ARG B 215 30.61 1.49 19.80
CA ARG B 215 31.19 0.27 20.35
C ARG B 215 30.16 -0.82 20.58
N LEU B 216 28.90 -0.43 20.78
CA LEU B 216 27.81 -1.37 21.01
C LEU B 216 26.73 -1.08 19.99
N PHE B 217 25.92 -2.10 19.70
CA PHE B 217 24.72 -1.83 18.91
C PHE B 217 23.60 -2.72 19.44
N VAL B 218 22.37 -2.36 19.09
CA VAL B 218 21.21 -3.10 19.58
C VAL B 218 20.43 -3.59 18.36
N SER B 219 19.93 -4.80 18.46
CA SER B 219 19.23 -5.47 17.36
C SER B 219 17.86 -5.93 17.81
N GLY B 220 16.81 -5.48 17.13
CA GLY B 220 15.46 -5.92 17.40
C GLY B 220 15.04 -7.00 16.42
N ALA B 221 14.16 -7.91 16.85
CA ALA B 221 13.82 -9.01 15.97
C ALA B 221 12.36 -9.41 16.08
N CYS B 222 11.92 -10.24 15.14
CA CYS B 222 10.56 -10.75 15.12
C CYS B 222 10.42 -11.87 16.13
N ASP B 223 10.80 -11.59 17.37
CA ASP B 223 10.67 -12.50 18.48
C ASP B 223 10.13 -11.80 19.70
N ALA B 224 9.80 -10.52 19.61
CA ALA B 224 9.48 -9.68 20.74
C ALA B 224 10.69 -9.52 21.66
N SER B 225 11.87 -9.31 21.05
CA SER B 225 13.07 -9.14 21.84
C SER B 225 14.08 -8.28 21.11
N ALA B 226 15.06 -7.82 21.89
CA ALA B 226 16.17 -7.02 21.39
C ALA B 226 17.43 -7.46 22.13
N LYS B 227 18.55 -7.35 21.46
CA LYS B 227 19.82 -7.76 22.05
C LYS B 227 20.83 -6.64 21.96
N LEU B 228 21.60 -6.48 23.04
CA LEU B 228 22.71 -5.55 23.10
C LEU B 228 23.98 -6.32 22.82
N TRP B 229 24.62 -5.99 21.69
CA TRP B 229 25.78 -6.66 21.12
C TRP B 229 27.00 -5.78 21.31
N ASP B 230 28.12 -6.40 21.64
CA ASP B 230 29.41 -5.73 21.70
C ASP B 230 30.09 -5.89 20.34
N VAL B 231 30.28 -4.78 19.63
CA VAL B 231 30.78 -4.83 18.25
C VAL B 231 32.16 -5.49 18.21
N ARG B 232 33.00 -5.21 19.19
CA ARG B 232 34.39 -5.64 19.12
C ARG B 232 34.56 -7.10 19.50
N GLU B 233 33.77 -7.61 20.43
CA GLU B 233 33.94 -8.96 20.91
C GLU B 233 33.18 -9.99 20.10
N GLY B 234 32.04 -9.62 19.52
CA GLY B 234 31.18 -10.58 18.85
C GLY B 234 30.20 -11.26 19.77
N MET B 235 30.16 -10.85 21.03
CA MET B 235 29.34 -11.41 22.09
C MET B 235 28.04 -10.64 22.23
N CYS B 236 26.97 -11.35 22.59
CA CYS B 236 25.72 -10.73 22.96
C CYS B 236 25.79 -10.39 24.44
N ARG B 237 25.68 -9.11 24.78
CA ARG B 237 25.86 -8.69 26.15
C ARG B 237 24.56 -8.75 26.93
N GLN B 238 23.45 -8.33 26.34
CA GLN B 238 22.19 -8.34 27.06
C GLN B 238 21.05 -8.75 26.15
N THR B 239 20.02 -9.35 26.73
CA THR B 239 18.77 -9.63 26.03
C THR B 239 17.63 -8.95 26.77
N PHE B 240 16.85 -8.16 26.04
CA PHE B 240 15.71 -7.44 26.59
C PHE B 240 14.44 -7.98 25.98
N THR B 241 13.44 -8.20 26.82
CA THR B 241 12.13 -8.67 26.43
C THR B 241 11.07 -7.78 27.05
N GLY B 242 9.83 -7.95 26.60
CA GLY B 242 8.74 -7.16 27.13
C GLY B 242 7.67 -6.91 26.09
N HIS B 243 8.05 -6.85 24.81
CA HIS B 243 7.06 -6.70 23.76
C HIS B 243 6.31 -8.01 23.57
N GLU B 244 5.08 -7.89 23.06
CA GLU B 244 4.25 -9.06 22.81
C GLU B 244 4.35 -9.59 21.39
N SER B 245 4.80 -8.80 20.43
CA SER B 245 4.87 -9.27 19.05
C SER B 245 6.18 -8.79 18.41
N ASP B 246 6.22 -8.83 17.08
CA ASP B 246 7.41 -8.52 16.33
C ASP B 246 7.83 -7.07 16.53
N ILE B 247 9.14 -6.84 16.65
CA ILE B 247 9.71 -5.52 16.81
C ILE B 247 10.11 -4.99 15.43
N ASN B 248 9.65 -3.78 15.10
CA ASN B 248 9.87 -3.18 13.79
C ASN B 248 10.89 -2.07 13.77
N ALA B 249 11.05 -1.32 14.85
CA ALA B 249 11.98 -0.22 14.88
C ALA B 249 12.68 -0.16 16.22
N ILE B 250 13.92 0.34 16.20
CA ILE B 250 14.71 0.49 17.41
C ILE B 250 15.61 1.70 17.22
N CYS B 251 15.88 2.41 18.31
CA CYS B 251 16.64 3.65 18.22
C CYS B 251 17.33 3.94 19.55
N PHE B 252 18.64 4.15 19.51
CA PHE B 252 19.39 4.49 20.71
C PHE B 252 19.05 5.88 21.23
N PHE B 253 19.06 6.01 22.54
CA PHE B 253 18.84 7.29 23.18
C PHE B 253 20.07 8.17 22.97
N PRO B 254 19.90 9.49 22.88
CA PRO B 254 21.06 10.37 22.66
C PRO B 254 22.18 10.16 23.66
N ASN B 255 21.85 9.91 24.91
CA ASN B 255 22.87 9.64 25.93
C ASN B 255 23.66 8.38 25.59
N GLY B 256 22.98 7.33 25.18
CA GLY B 256 23.61 6.06 24.85
C GLY B 256 23.43 4.97 25.89
N ASN B 257 22.65 5.23 26.94
CA ASN B 257 22.40 4.27 28.01
C ASN B 257 20.97 3.75 28.00
N ALA B 258 20.26 3.92 26.89
CA ALA B 258 18.87 3.49 26.79
C ALA B 258 18.49 3.44 25.32
N PHE B 259 17.43 2.69 25.03
CA PHE B 259 16.92 2.65 23.66
C PHE B 259 15.40 2.52 23.66
N ALA B 260 14.79 2.93 22.57
CA ALA B 260 13.36 2.83 22.36
C ALA B 260 13.06 1.83 21.24
N THR B 261 12.03 1.02 21.44
CA THR B 261 11.62 0.02 20.47
C THR B 261 10.15 0.19 20.16
N GLY B 262 9.75 -0.19 18.95
CA GLY B 262 8.36 -0.20 18.57
C GLY B 262 8.01 -1.55 17.99
N SER B 263 6.77 -1.98 18.21
CA SER B 263 6.38 -3.31 17.79
C SER B 263 5.02 -3.32 17.14
N ASP B 264 4.59 -4.51 16.71
CA ASP B 264 3.29 -4.71 16.07
C ASP B 264 2.13 -4.72 17.04
N ASP B 265 2.39 -4.70 18.35
CA ASP B 265 1.32 -4.67 19.33
C ASP B 265 0.84 -3.27 19.62
N ALA B 266 1.28 -2.29 18.82
CA ALA B 266 0.90 -0.88 18.93
C ALA B 266 1.48 -0.22 20.16
N THR B 267 2.49 -0.82 20.77
CA THR B 267 3.17 -0.26 21.92
C THR B 267 4.61 0.08 21.56
N CYS B 268 5.11 1.16 22.15
CA CYS B 268 6.50 1.53 22.09
C CYS B 268 7.06 1.43 23.51
N ARG B 269 8.28 0.95 23.67
CA ARG B 269 8.85 0.81 25.01
C ARG B 269 10.26 1.36 25.08
N LEU B 270 10.57 2.02 26.19
CA LEU B 270 11.89 2.52 26.50
C LEU B 270 12.56 1.55 27.47
N PHE B 271 13.74 1.06 27.11
CA PHE B 271 14.53 0.12 27.89
C PHE B 271 15.84 0.76 28.30
N ASP B 272 16.31 0.40 29.49
CA ASP B 272 17.55 0.93 30.05
C ASP B 272 18.64 -0.12 30.06
N LEU B 273 19.75 0.17 29.39
CA LEU B 273 20.86 -0.77 29.28
C LEU B 273 21.60 -1.01 30.59
N ARG B 274 21.49 -0.11 31.55
CA ARG B 274 22.21 -0.30 32.81
C ARG B 274 21.41 -1.04 33.86
N ALA B 275 20.08 -0.99 33.79
CA ALA B 275 19.22 -1.72 34.70
C ALA B 275 18.66 -2.98 34.07
N ASP B 276 18.95 -3.22 32.79
CA ASP B 276 18.52 -4.42 32.06
C ASP B 276 17.02 -4.67 32.20
N GLN B 277 16.23 -3.61 32.15
CA GLN B 277 14.79 -3.70 32.35
C GLN B 277 14.02 -2.77 31.44
N GLU B 278 12.75 -3.11 31.22
CA GLU B 278 11.82 -2.18 30.60
C GLU B 278 11.61 -1.01 31.53
N LEU B 279 11.69 0.20 30.97
CA LEU B 279 11.55 1.37 31.80
C LEU B 279 10.23 2.12 31.59
N MET B 280 9.75 2.24 30.35
CA MET B 280 8.50 2.96 30.14
C MET B 280 7.75 2.46 28.92
N THR B 281 6.41 2.50 28.99
CA THR B 281 5.52 2.09 27.91
C THR B 281 4.73 3.26 27.35
N TYR B 282 4.76 3.42 26.03
CA TYR B 282 4.03 4.46 25.31
C TYR B 282 2.95 3.78 24.47
N SER B 283 1.69 3.97 24.85
CA SER B 283 0.57 3.34 24.17
C SER B 283 -0.66 4.19 24.35
N HIS B 284 -1.71 3.89 23.58
CA HIS B 284 -2.96 4.63 23.67
C HIS B 284 -4.09 3.72 23.22
N ASP B 285 -5.27 3.91 23.82
CA ASP B 285 -6.41 3.05 23.51
C ASP B 285 -6.80 3.11 22.04
N ASN B 286 -6.59 4.24 21.38
CA ASN B 286 -7.03 4.43 20.01
C ASN B 286 -5.98 4.03 18.98
N ILE B 287 -4.87 3.44 19.42
CA ILE B 287 -3.82 2.99 18.52
C ILE B 287 -3.84 1.47 18.53
N ILE B 288 -4.21 0.86 17.40
CA ILE B 288 -4.24 -0.58 17.27
C ILE B 288 -3.40 -1.02 16.08
N CYS B 289 -2.58 -0.10 15.58
CA CYS B 289 -1.69 -0.33 14.46
C CYS B 289 -0.25 -0.45 14.94
N GLY B 290 0.59 -1.11 14.13
CA GLY B 290 1.98 -1.26 14.50
C GLY B 290 2.78 0.01 14.31
N ILE B 291 4.01 0.00 14.80
CA ILE B 291 4.90 1.15 14.78
C ILE B 291 6.03 0.86 13.82
N THR B 292 5.97 1.46 12.64
CA THR B 292 6.98 1.23 11.61
C THR B 292 8.34 1.83 11.96
N SER B 293 8.38 3.00 12.57
CA SER B 293 9.65 3.67 12.81
C SER B 293 9.64 4.46 14.12
N VAL B 294 10.83 4.57 14.71
CA VAL B 294 11.06 5.26 15.98
C VAL B 294 12.30 6.14 15.85
N SER B 295 12.24 7.35 16.41
CA SER B 295 13.42 8.20 16.48
C SER B 295 13.32 9.17 17.64
N PHE B 296 14.47 9.62 18.14
CA PHE B 296 14.56 10.60 19.21
C PHE B 296 15.01 11.96 18.69
N SER B 297 14.60 13.01 19.39
CA SER B 297 15.11 14.35 19.15
C SER B 297 16.49 14.51 19.78
N LYS B 298 17.14 15.64 19.46
CA LYS B 298 18.50 15.90 19.93
C LYS B 298 18.63 15.80 21.44
N SER B 299 17.69 16.38 22.18
CA SER B 299 17.79 16.38 23.63
C SER B 299 17.31 15.08 24.26
N GLY B 300 16.66 14.20 23.51
CA GLY B 300 16.10 12.99 24.05
C GLY B 300 14.78 13.16 24.74
N ARG B 301 14.22 14.37 24.77
CA ARG B 301 12.95 14.59 25.44
C ARG B 301 11.76 14.13 24.62
N LEU B 302 11.86 14.19 23.30
CA LEU B 302 10.78 13.78 22.43
C LEU B 302 11.09 12.46 21.75
N LEU B 303 10.09 11.61 21.66
CA LEU B 303 10.17 10.35 20.95
C LEU B 303 9.17 10.40 19.80
N LEU B 304 9.62 10.17 18.58
CA LEU B 304 8.74 10.25 17.44
C LEU B 304 8.54 8.86 16.85
N ALA B 305 7.29 8.53 16.53
CA ALA B 305 7.03 7.21 15.98
C ALA B 305 6.02 7.28 14.85
N GLY B 306 6.30 6.54 13.78
CA GLY B 306 5.40 6.44 12.65
C GLY B 306 4.53 5.21 12.78
N TYR B 307 3.27 5.33 12.39
CA TYR B 307 2.33 4.24 12.54
C TYR B 307 1.78 3.80 11.20
N ASP B 308 0.85 2.85 11.25
CA ASP B 308 0.16 2.34 10.07
C ASP B 308 -1.15 3.07 9.80
N ASP B 309 -1.46 4.12 10.58
CA ASP B 309 -2.60 4.98 10.37
C ASP B 309 -2.25 6.17 9.53
N PHE B 310 -1.09 6.11 8.87
CA PHE B 310 -0.60 7.15 7.98
C PHE B 310 -0.30 8.44 8.73
N ASN B 311 0.31 8.33 9.91
CA ASN B 311 0.67 9.52 10.66
C ASN B 311 1.84 9.19 11.58
N CYS B 312 2.25 10.20 12.34
CA CYS B 312 3.33 10.07 13.30
C CYS B 312 2.95 10.75 14.59
N ASN B 313 3.19 10.09 15.71
CA ASN B 313 2.92 10.68 17.01
C ASN B 313 4.22 11.08 17.67
N VAL B 314 4.22 12.26 18.28
CA VAL B 314 5.32 12.78 19.05
C VAL B 314 4.95 12.62 20.51
N TRP B 315 5.73 11.81 21.22
CA TRP B 315 5.51 11.42 22.60
C TRP B 315 6.51 12.13 23.48
N ASP B 316 6.10 12.43 24.70
CA ASP B 316 7.00 12.96 25.71
C ASP B 316 7.74 11.76 26.31
N ALA B 317 9.02 11.62 25.98
CA ALA B 317 9.74 10.41 26.35
C ALA B 317 9.89 10.24 27.86
N LEU B 318 9.75 11.31 28.64
CA LEU B 318 9.90 11.20 30.08
C LEU B 318 8.57 11.11 30.82
N LYS B 319 7.45 11.30 30.15
CA LYS B 319 6.15 11.30 30.78
C LYS B 319 5.17 10.32 30.17
N ALA B 320 5.40 9.88 28.92
CA ALA B 320 4.51 9.00 28.17
C ALA B 320 3.18 9.65 27.83
N ASP B 321 3.14 10.96 27.74
CA ASP B 321 2.00 11.67 27.21
C ASP B 321 2.25 11.99 25.74
N ARG B 322 1.18 12.15 24.98
CA ARG B 322 1.34 12.55 23.59
C ARG B 322 1.54 14.05 23.51
N ALA B 323 2.59 14.46 22.83
CA ALA B 323 2.88 15.87 22.66
C ALA B 323 2.28 16.42 21.38
N GLY B 324 2.14 15.60 20.34
CA GLY B 324 1.61 16.14 19.11
C GLY B 324 1.58 15.11 18.01
N VAL B 325 1.10 15.52 16.84
CA VAL B 325 1.00 14.62 15.70
C VAL B 325 1.60 15.26 14.46
N LEU B 326 1.94 14.40 13.51
CA LEU B 326 2.42 14.78 12.19
C LEU B 326 1.52 14.02 11.21
N ALA B 327 0.58 14.75 10.62
CA ALA B 327 -0.40 14.23 9.69
C ALA B 327 -0.14 14.83 8.32
N GLY B 328 -0.19 14.00 7.29
CA GLY B 328 0.10 14.51 5.96
C GLY B 328 0.52 13.46 4.96
N HIS B 329 0.28 12.21 5.27
CA HIS B 329 0.59 11.10 4.40
C HIS B 329 -0.70 10.33 4.19
N ASP B 330 -0.83 9.71 3.02
CA ASP B 330 -2.05 9.01 2.66
C ASP B 330 -1.86 7.50 2.55
N ASN B 331 -0.69 7.00 2.92
CA ASN B 331 -0.43 5.58 2.93
C ASN B 331 0.48 5.31 4.12
N ARG B 332 0.86 4.06 4.31
CA ARG B 332 1.66 3.68 5.47
C ARG B 332 2.91 4.53 5.57
N VAL B 333 3.19 5.06 6.75
CA VAL B 333 4.46 5.73 6.96
C VAL B 333 5.52 4.66 7.13
N SER B 334 6.55 4.70 6.31
CA SER B 334 7.54 3.63 6.27
C SER B 334 8.87 4.00 6.90
N CYS B 335 9.22 5.27 6.95
CA CYS B 335 10.53 5.63 7.49
C CYS B 335 10.46 7.00 8.13
N LEU B 336 11.34 7.21 9.10
CA LEU B 336 11.36 8.44 9.87
C LEU B 336 12.78 8.69 10.35
N GLY B 337 13.18 9.95 10.38
CA GLY B 337 14.49 10.29 10.90
C GLY B 337 14.58 11.73 11.36
N VAL B 338 15.61 12.00 12.16
CA VAL B 338 15.85 13.31 12.73
C VAL B 338 17.28 13.69 12.40
N THR B 339 17.50 14.97 12.13
CA THR B 339 18.83 15.45 11.79
C THR B 339 19.75 15.43 13.00
N ASP B 340 21.04 15.30 12.72
CA ASP B 340 22.04 15.31 13.80
C ASP B 340 21.95 16.59 14.62
N ASP B 341 21.88 17.74 13.95
CA ASP B 341 21.72 19.00 14.70
C ASP B 341 20.35 19.07 15.38
N GLY B 342 19.29 18.63 14.70
CA GLY B 342 17.96 18.63 15.27
C GLY B 342 17.00 19.60 14.64
N MET B 343 17.44 20.30 13.61
CA MET B 343 16.60 21.32 13.00
C MET B 343 15.36 20.82 12.28
N ALA B 344 15.39 19.57 11.83
CA ALA B 344 14.24 19.05 11.09
C ALA B 344 14.03 17.56 11.26
N VAL B 345 12.81 17.12 10.96
CA VAL B 345 12.41 15.73 11.01
C VAL B 345 11.96 15.33 9.62
N ALA B 346 12.45 14.23 9.09
CA ALA B 346 12.04 13.80 7.76
C ALA B 346 11.29 12.50 7.82
N THR B 347 10.22 12.36 7.04
CA THR B 347 9.46 11.13 7.00
C THR B 347 9.25 10.72 5.56
N GLY B 348 9.00 9.44 5.37
CA GLY B 348 8.63 8.92 4.08
C GLY B 348 7.59 7.85 4.28
N SER B 349 6.76 7.67 3.26
CA SER B 349 5.64 6.75 3.37
C SER B 349 5.45 6.06 2.04
N TRP B 350 4.45 5.18 1.98
CA TRP B 350 4.20 4.40 0.79
C TRP B 350 3.51 5.17 -0.32
N ASP B 351 3.28 6.47 -0.17
CA ASP B 351 2.71 7.27 -1.25
C ASP B 351 3.80 7.97 -2.06
N SER B 352 5.06 7.57 -1.87
CA SER B 352 6.23 8.05 -2.61
C SER B 352 6.57 9.52 -2.36
N PHE B 353 6.23 10.07 -1.20
CA PHE B 353 6.58 11.45 -0.89
C PHE B 353 7.35 11.51 0.41
N LEU B 354 8.45 12.25 0.39
CA LEU B 354 9.27 12.51 1.57
C LEU B 354 8.98 13.92 2.03
N LYS B 355 8.55 14.06 3.27
CA LYS B 355 8.19 15.37 3.79
C LYS B 355 9.10 15.73 4.96
N ILE B 356 9.42 17.02 5.06
CA ILE B 356 10.28 17.53 6.12
C ILE B 356 9.47 18.46 6.99
N TRP B 357 9.56 18.23 8.30
CA TRP B 357 8.85 19.00 9.31
C TRP B 357 9.84 19.78 10.11
N ASN B 358 9.39 20.88 10.71
CA ASN B 358 10.26 21.71 11.53
C ASN B 358 9.46 22.59 12.46
N THR C 6 17.79 -37.10 21.76
CA THR C 6 18.05 -35.87 22.48
C THR C 6 19.24 -35.11 21.89
N ALA C 7 19.42 -35.22 20.57
CA ALA C 7 20.49 -34.48 19.91
C ALA C 7 20.30 -32.97 20.04
N SER C 8 19.04 -32.51 20.11
CA SER C 8 18.74 -31.09 20.12
C SER C 8 19.34 -30.37 21.32
N ILE C 9 19.89 -31.12 22.29
CA ILE C 9 20.57 -30.48 23.40
C ILE C 9 21.71 -29.62 22.90
N ALA C 10 22.23 -29.94 21.71
CA ALA C 10 23.33 -29.14 21.16
C ALA C 10 22.94 -27.69 21.05
N GLN C 11 21.68 -27.42 20.73
CA GLN C 11 21.26 -26.01 20.72
C GLN C 11 20.91 -25.56 22.13
N ALA C 12 20.24 -26.42 22.90
CA ALA C 12 19.79 -26.04 24.22
C ALA C 12 20.97 -25.69 25.12
N ARG C 13 22.07 -26.44 24.98
CA ARG C 13 23.23 -26.16 25.80
C ARG C 13 23.73 -24.75 25.56
N LYS C 14 23.73 -24.32 24.28
CA LYS C 14 24.19 -22.96 24.00
C LYS C 14 23.33 -21.95 24.73
N LEU C 15 22.01 -22.18 24.74
CA LEU C 15 21.14 -21.24 25.43
C LEU C 15 21.52 -21.16 26.90
N VAL C 16 21.79 -22.32 27.52
CA VAL C 16 22.10 -22.31 28.93
C VAL C 16 23.33 -21.45 29.17
N GLU C 17 24.35 -21.59 28.32
CA GLU C 17 25.57 -20.83 28.56
C GLU C 17 25.28 -19.34 28.49
N GLN C 18 24.49 -18.92 27.50
CA GLN C 18 24.21 -17.50 27.36
C GLN C 18 23.45 -16.99 28.57
N LEU C 19 22.53 -17.80 29.09
CA LEU C 19 21.75 -17.34 30.23
C LEU C 19 22.64 -17.08 31.43
N LYS C 20 23.63 -17.95 31.65
CA LYS C 20 24.51 -17.71 32.78
C LYS C 20 25.23 -16.38 32.62
N MET C 21 25.69 -16.08 31.40
CA MET C 21 26.41 -14.84 31.20
C MET C 21 25.52 -13.64 31.45
N GLU C 22 24.22 -13.76 31.17
CA GLU C 22 23.33 -12.64 31.46
C GLU C 22 22.97 -12.56 32.94
N ALA C 23 22.98 -13.68 33.65
CA ALA C 23 22.65 -13.65 35.06
C ALA C 23 23.68 -12.87 35.86
N ASN C 24 24.96 -13.01 35.50
CA ASN C 24 26.06 -12.38 36.24
C ASN C 24 26.35 -10.97 35.70
N ILE C 25 25.38 -10.09 35.87
CA ILE C 25 25.50 -8.69 35.48
C ILE C 25 25.20 -7.83 36.71
N ASP C 26 26.07 -6.88 37.01
CA ASP C 26 25.90 -6.01 38.17
C ASP C 26 24.95 -4.87 37.83
N ARG C 27 23.65 -5.18 37.86
CA ARG C 27 22.61 -4.25 37.45
C ARG C 27 22.48 -3.08 38.41
N ILE C 28 22.34 -1.87 37.85
CA ILE C 28 22.15 -0.65 38.63
C ILE C 28 20.69 -0.51 39.05
N LYS C 29 20.45 0.19 40.15
CA LYS C 29 19.10 0.45 40.63
C LYS C 29 18.34 1.31 39.61
N VAL C 30 17.07 1.00 39.42
CA VAL C 30 16.27 1.68 38.38
C VAL C 30 16.13 3.17 38.65
N SER C 31 15.89 3.54 39.91
CA SER C 31 15.61 4.95 40.18
C SER C 31 16.81 5.84 39.85
N LYS C 32 18.02 5.31 40.00
CA LYS C 32 19.20 6.09 39.67
C LYS C 32 19.31 6.32 38.17
N ALA C 33 19.09 5.26 37.39
CA ALA C 33 19.15 5.38 35.95
C ALA C 33 18.04 6.29 35.41
N ALA C 34 16.85 6.22 35.99
CA ALA C 34 15.78 7.11 35.56
C ALA C 34 16.14 8.56 35.88
N ALA C 35 16.73 8.80 37.04
CA ALA C 35 17.19 10.14 37.39
C ALA C 35 18.26 10.61 36.42
N ASP C 36 19.12 9.69 35.95
CA ASP C 36 20.15 10.08 35.01
C ASP C 36 19.56 10.49 33.67
N LEU C 37 18.55 9.78 33.19
CA LEU C 37 17.93 10.20 31.93
C LEU C 37 17.20 11.52 32.07
N MET C 38 16.52 11.72 33.21
CA MET C 38 15.83 12.99 33.45
C MET C 38 16.82 14.14 33.52
N ALA C 39 17.93 13.95 34.23
CA ALA C 39 18.95 14.98 34.33
C ALA C 39 19.59 15.29 32.97
N TYR C 40 19.86 14.24 32.18
CA TYR C 40 20.41 14.46 30.84
C TYR C 40 19.47 15.30 30.01
N CYS C 41 18.19 14.93 29.99
CA CYS C 41 17.23 15.69 29.19
C CYS C 41 17.17 17.14 29.66
N GLU C 42 17.28 17.36 30.97
CA GLU C 42 17.23 18.73 31.47
C GLU C 42 18.45 19.53 31.04
N ALA C 43 19.63 18.91 31.04
CA ALA C 43 20.85 19.63 30.71
C ALA C 43 20.82 20.20 29.28
N HIS C 44 20.24 19.46 28.35
CA HIS C 44 20.24 19.83 26.94
C HIS C 44 18.88 20.30 26.44
N ALA C 45 17.95 20.60 27.34
CA ALA C 45 16.58 20.95 26.94
C ALA C 45 16.53 22.22 26.11
N LYS C 46 17.31 23.23 26.50
CA LYS C 46 17.26 24.52 25.80
C LYS C 46 17.93 24.48 24.43
N GLU C 47 18.71 23.46 24.14
CA GLU C 47 19.47 23.37 22.89
C GLU C 47 18.73 22.58 21.80
N ASP C 48 17.53 22.09 22.07
CA ASP C 48 16.84 21.16 21.17
C ASP C 48 15.94 21.94 20.23
N PRO C 49 16.25 22.05 18.94
CA PRO C 49 15.42 22.85 18.03
C PRO C 49 14.00 22.35 17.85
N LEU C 50 13.69 21.08 18.17
CA LEU C 50 12.35 20.54 17.99
C LEU C 50 11.48 20.71 19.22
N LEU C 51 12.04 21.13 20.33
CA LEU C 51 11.29 21.42 21.54
C LEU C 51 11.24 22.91 21.82
N THR C 52 12.35 23.62 21.58
CA THR C 52 12.46 25.08 21.67
C THR C 52 12.04 25.70 20.34
N PRO C 53 11.18 26.72 20.35
CA PRO C 53 10.80 27.36 19.09
C PRO C 53 11.85 28.28 18.48
N VAL C 54 12.87 27.72 17.83
CA VAL C 54 13.97 28.54 17.27
C VAL C 54 13.42 29.49 16.22
N PRO C 55 13.77 30.78 16.27
CA PRO C 55 13.24 31.77 15.32
C PRO C 55 13.45 31.41 13.85
N ALA C 56 12.49 31.84 13.02
CA ALA C 56 12.53 31.57 11.59
C ALA C 56 13.79 32.12 10.91
N SER C 57 14.37 33.20 11.44
CA SER C 57 15.54 33.76 10.77
C SER C 57 16.75 32.84 10.87
N GLU C 58 16.73 31.88 11.78
CA GLU C 58 17.79 30.89 11.93
C GLU C 58 17.45 29.56 11.28
N ASN C 59 16.17 29.28 11.13
CA ASN C 59 15.63 28.04 10.59
C ASN C 59 15.94 27.96 9.10
N PRO C 60 16.86 27.09 8.67
CA PRO C 60 17.27 27.10 7.26
C PRO C 60 16.23 26.51 6.32
N PHE C 61 15.16 25.92 6.83
CA PHE C 61 14.14 25.31 6.01
C PHE C 61 13.05 26.29 5.59
N ARG C 62 13.10 27.53 6.07
CA ARG C 62 12.11 28.55 5.76
C ARG C 62 12.59 29.93 6.13
N GLN D 1 8.15 -10.85 27.99
CA GLN D 1 8.43 -12.22 27.61
C GLN D 1 7.12 -12.99 27.60
N VAL D 2 6.91 -13.80 26.56
CA VAL D 2 5.66 -14.53 26.41
C VAL D 2 5.96 -16.02 26.40
N GLN D 3 5.10 -16.79 27.06
CA GLN D 3 5.30 -18.23 27.14
C GLN D 3 3.97 -18.94 26.93
N LEU D 4 4.06 -20.13 26.34
CA LEU D 4 2.93 -21.04 26.17
C LEU D 4 3.37 -22.40 26.69
N GLN D 5 2.64 -22.94 27.66
CA GLN D 5 3.00 -24.21 28.27
C GLN D 5 1.81 -25.18 28.17
N GLU D 6 1.99 -26.25 27.39
CA GLU D 6 0.97 -27.25 27.21
C GLU D 6 0.89 -28.21 28.38
N SER D 7 -0.27 -28.83 28.54
CA SER D 7 -0.48 -29.83 29.58
C SER D 7 -1.58 -30.77 29.12
N GLY D 8 -1.87 -31.78 29.95
CA GLY D 8 -2.92 -32.73 29.67
C GLY D 8 -2.58 -33.83 28.69
N GLY D 9 -1.31 -34.16 28.48
CA GLY D 9 -0.93 -35.20 27.56
C GLY D 9 -1.01 -36.56 28.23
N GLY D 10 -0.39 -37.54 27.58
CA GLY D 10 -0.34 -38.88 28.14
C GLY D 10 -0.54 -39.93 27.08
N LEU D 11 -0.75 -41.17 27.53
CA LEU D 11 -0.93 -42.32 26.67
C LEU D 11 -2.31 -42.91 26.92
N VAL D 12 -3.04 -43.21 25.84
CA VAL D 12 -4.36 -43.80 25.93
C VAL D 12 -4.48 -44.91 24.89
N GLN D 13 -5.44 -45.80 25.12
CA GLN D 13 -5.70 -46.87 24.18
C GLN D 13 -6.58 -46.35 23.04
N PRO D 14 -6.54 -47.00 21.88
CA PRO D 14 -7.38 -46.54 20.76
C PRO D 14 -8.85 -46.49 21.16
N GLY D 15 -9.50 -45.39 20.77
CA GLY D 15 -10.88 -45.15 21.15
C GLY D 15 -11.05 -44.28 22.36
N GLY D 16 -9.97 -43.95 23.06
CA GLY D 16 -10.03 -43.14 24.26
C GLY D 16 -10.09 -41.65 23.95
N SER D 17 -9.92 -40.84 24.99
CA SER D 17 -9.99 -39.40 24.85
C SER D 17 -9.05 -38.72 25.83
N LEU D 18 -8.61 -37.51 25.48
CA LEU D 18 -7.80 -36.67 26.34
C LEU D 18 -8.33 -35.25 26.30
N ARG D 19 -8.01 -34.48 27.34
CA ARG D 19 -8.24 -33.04 27.35
C ARG D 19 -6.88 -32.35 27.50
N LEU D 20 -6.46 -31.65 26.46
CA LEU D 20 -5.20 -30.92 26.48
C LEU D 20 -5.46 -29.49 26.90
N SER D 21 -4.47 -28.89 27.54
CA SER D 21 -4.57 -27.50 27.96
C SER D 21 -3.33 -26.74 27.53
N CYS D 22 -3.39 -25.43 27.68
CA CYS D 22 -2.28 -24.55 27.31
C CYS D 22 -2.36 -23.24 28.10
N ALA D 23 -1.38 -22.99 28.96
CA ALA D 23 -1.34 -21.78 29.77
C ALA D 23 -0.48 -20.75 29.07
N ALA D 24 -0.99 -19.53 28.96
CA ALA D 24 -0.31 -18.46 28.27
C ALA D 24 0.09 -17.38 29.26
N SER D 25 1.22 -16.72 28.98
CA SER D 25 1.63 -15.60 29.80
C SER D 25 2.41 -14.60 28.96
N GLY D 26 2.43 -13.36 29.43
CA GLY D 26 3.21 -12.31 28.81
C GLY D 26 2.51 -11.51 27.72
N PHE D 27 1.24 -11.79 27.42
CA PHE D 27 0.55 -11.07 26.37
C PHE D 27 -0.95 -11.07 26.69
N THR D 28 -1.67 -10.16 26.04
CA THR D 28 -3.12 -10.08 26.19
C THR D 28 -3.75 -11.21 25.39
N PHE D 29 -4.28 -12.21 26.09
CA PHE D 29 -4.77 -13.43 25.44
C PHE D 29 -5.95 -13.14 24.51
N SER D 30 -6.90 -12.33 24.96
CA SER D 30 -8.13 -12.09 24.21
C SER D 30 -7.91 -11.38 22.87
N ASN D 31 -6.72 -10.87 22.57
CA ASN D 31 -6.49 -10.16 21.32
C ASN D 31 -5.90 -11.02 20.22
N TYR D 32 -5.64 -12.30 20.45
CA TYR D 32 -4.95 -13.13 19.47
C TYR D 32 -5.76 -14.37 19.12
N LYS D 33 -5.66 -14.78 17.85
CA LYS D 33 -6.17 -16.07 17.45
C LYS D 33 -5.23 -17.16 17.94
N MET D 34 -5.80 -18.30 18.29
CA MET D 34 -5.00 -19.39 18.83
C MET D 34 -5.15 -20.63 17.96
N ASN D 35 -4.09 -21.42 17.89
CA ASN D 35 -4.06 -22.60 17.05
C ASN D 35 -3.52 -23.79 17.82
N TRP D 36 -3.92 -24.98 17.37
CA TRP D 36 -3.29 -26.24 17.74
C TRP D 36 -2.68 -26.83 16.49
N VAL D 37 -1.42 -27.27 16.60
CA VAL D 37 -0.65 -27.83 15.50
C VAL D 37 -0.03 -29.13 15.99
N ARG D 38 0.19 -30.08 15.08
CA ARG D 38 0.81 -31.35 15.47
C ARG D 38 2.09 -31.63 14.69
N GLN D 39 3.04 -32.27 15.37
CA GLN D 39 4.28 -32.78 14.80
C GLN D 39 4.24 -34.29 14.87
N ALA D 40 4.14 -34.94 13.72
CA ALA D 40 4.15 -36.39 13.60
C ALA D 40 5.57 -36.92 13.71
N PRO D 41 5.76 -38.12 14.27
CA PRO D 41 7.12 -38.65 14.45
C PRO D 41 8.00 -38.62 13.21
N GLY D 42 7.43 -38.78 12.02
CA GLY D 42 8.23 -38.76 10.81
C GLY D 42 7.75 -37.75 9.78
N LYS D 43 6.92 -36.80 10.20
CA LYS D 43 6.32 -35.84 9.30
C LYS D 43 6.45 -34.42 9.87
N GLY D 44 6.37 -33.44 8.98
CA GLY D 44 6.42 -32.05 9.39
C GLY D 44 5.14 -31.60 10.06
N LEU D 45 5.26 -30.49 10.80
CA LEU D 45 4.11 -29.88 11.49
C LEU D 45 2.89 -29.75 10.58
N GLU D 46 1.72 -30.04 11.13
CA GLU D 46 0.45 -29.97 10.44
C GLU D 46 -0.53 -29.18 11.29
N TRP D 47 -1.25 -28.25 10.66
CA TRP D 47 -2.25 -27.46 11.37
C TRP D 47 -3.44 -28.32 11.73
N VAL D 48 -3.95 -28.15 12.95
CA VAL D 48 -5.08 -28.94 13.47
C VAL D 48 -6.32 -28.09 13.71
N SER D 49 -6.22 -27.07 14.56
CA SER D 49 -7.42 -26.32 14.91
C SER D 49 -7.11 -24.84 15.05
N ASP D 50 -8.09 -23.99 14.76
CA ASP D 50 -7.91 -22.55 14.84
C ASP D 50 -9.14 -21.88 15.44
N ILE D 51 -9.00 -21.26 16.61
CA ILE D 51 -10.09 -20.52 17.25
C ILE D 51 -9.77 -19.03 17.29
N SER D 52 -10.73 -18.22 16.86
CA SER D 52 -10.65 -16.76 16.80
C SER D 52 -10.65 -16.13 18.19
N GLN D 53 -10.40 -14.81 18.23
CA GLN D 53 -10.27 -14.09 19.50
C GLN D 53 -11.48 -14.26 20.39
N SER D 54 -12.67 -14.21 19.81
CA SER D 54 -13.90 -14.29 20.58
C SER D 54 -14.42 -15.71 20.73
N GLY D 55 -13.90 -16.66 19.96
CA GLY D 55 -14.46 -17.99 19.95
C GLY D 55 -15.66 -18.14 19.06
N ALA D 56 -16.04 -17.10 18.32
CA ALA D 56 -17.23 -17.15 17.49
C ALA D 56 -17.01 -17.99 16.23
N SER D 57 -15.76 -18.17 15.81
CA SER D 57 -15.46 -18.89 14.59
C SER D 57 -14.38 -19.92 14.90
N ILE D 58 -14.68 -21.19 14.69
CA ILE D 58 -13.79 -22.30 14.99
C ILE D 58 -13.60 -23.12 13.73
N SER D 59 -12.35 -23.35 13.37
CA SER D 59 -12.03 -24.15 12.19
C SER D 59 -11.25 -25.38 12.58
N TYR D 60 -11.49 -26.48 11.87
CA TYR D 60 -10.82 -27.75 12.09
C TYR D 60 -10.31 -28.28 10.76
N THR D 61 -9.22 -29.03 10.82
CA THR D 61 -8.82 -29.80 9.67
C THR D 61 -9.82 -30.93 9.47
N GLY D 62 -10.03 -31.32 8.21
CA GLY D 62 -11.04 -32.31 7.92
C GLY D 62 -10.86 -33.60 8.69
N SER D 63 -9.61 -33.99 8.94
CA SER D 63 -9.31 -35.22 9.64
C SER D 63 -9.73 -35.22 11.11
N VAL D 64 -10.06 -34.08 11.70
CA VAL D 64 -10.43 -34.04 13.10
C VAL D 64 -11.87 -33.59 13.33
N LYS D 65 -12.62 -33.30 12.28
CA LYS D 65 -14.01 -32.87 12.47
C LYS D 65 -14.84 -34.01 13.03
N GLY D 66 -15.64 -33.70 14.05
CA GLY D 66 -16.47 -34.66 14.73
C GLY D 66 -15.79 -35.44 15.82
N ARG D 67 -14.50 -35.26 16.02
CA ARG D 67 -13.76 -35.93 17.06
C ARG D 67 -13.05 -34.98 18.02
N PHE D 68 -12.56 -33.85 17.52
CA PHE D 68 -11.82 -32.88 18.31
C PHE D 68 -12.62 -31.60 18.42
N THR D 69 -12.53 -30.94 19.57
CA THR D 69 -13.11 -29.62 19.75
C THR D 69 -12.09 -28.74 20.46
N ILE D 70 -12.20 -27.44 20.25
CA ILE D 70 -11.34 -26.48 20.92
C ILE D 70 -12.17 -25.39 21.56
N SER D 71 -11.59 -24.74 22.55
CA SER D 71 -12.21 -23.61 23.21
C SER D 71 -11.12 -22.81 23.88
N ARG D 72 -11.49 -21.61 24.31
CA ARG D 72 -10.57 -20.74 25.01
C ARG D 72 -11.32 -20.07 26.14
N ASP D 73 -10.59 -19.70 27.18
CA ASP D 73 -11.13 -18.99 28.33
C ASP D 73 -10.22 -17.80 28.53
N ASN D 74 -10.74 -16.62 28.18
CA ASN D 74 -9.99 -15.37 28.23
C ASN D 74 -9.85 -14.83 29.63
N ALA D 75 -10.62 -15.35 30.58
CA ALA D 75 -10.54 -14.96 31.98
C ALA D 75 -9.51 -15.78 32.73
N LYS D 76 -9.05 -16.87 32.12
CA LYS D 76 -8.04 -17.74 32.68
C LYS D 76 -6.83 -17.83 31.78
N ASN D 77 -6.91 -17.30 30.56
CA ASN D 77 -5.87 -17.42 29.54
C ASN D 77 -5.56 -18.90 29.29
N THR D 78 -6.59 -19.68 29.00
CA THR D 78 -6.38 -21.11 28.79
C THR D 78 -7.01 -21.55 27.49
N LEU D 79 -6.26 -22.34 26.72
CA LEU D 79 -6.72 -22.90 25.46
C LEU D 79 -6.80 -24.40 25.62
N TYR D 80 -7.94 -24.98 25.26
CA TYR D 80 -8.15 -26.40 25.46
C TYR D 80 -8.29 -27.13 24.14
N LEU D 81 -8.22 -28.46 24.23
CA LEU D 81 -8.47 -29.32 23.08
C LEU D 81 -9.05 -30.62 23.62
N GLN D 82 -10.28 -30.93 23.24
CA GLN D 82 -10.93 -32.17 23.61
C GLN D 82 -10.74 -33.15 22.46
N MET D 83 -10.06 -34.26 22.75
CA MET D 83 -9.65 -35.26 21.78
C MET D 83 -10.44 -36.53 22.06
N ASN D 84 -11.52 -36.75 21.31
CA ASN D 84 -12.38 -37.90 21.51
C ASN D 84 -12.18 -38.91 20.39
N SER D 85 -12.53 -40.17 20.67
CA SER D 85 -12.52 -41.25 19.69
C SER D 85 -11.19 -41.33 18.95
N LEU D 86 -10.11 -41.36 19.72
CA LEU D 86 -8.78 -41.28 19.14
C LEU D 86 -8.36 -42.59 18.47
N LYS D 87 -7.53 -42.45 17.46
CA LYS D 87 -6.99 -43.53 16.64
C LYS D 87 -5.48 -43.45 16.67
N PRO D 88 -4.79 -44.54 16.32
CA PRO D 88 -3.32 -44.49 16.28
C PRO D 88 -2.75 -43.34 15.47
N GLU D 89 -3.47 -42.90 14.43
CA GLU D 89 -3.01 -41.81 13.59
C GLU D 89 -2.88 -40.49 14.35
N ASP D 90 -3.49 -40.37 15.53
CA ASP D 90 -3.44 -39.14 16.30
C ASP D 90 -2.24 -39.08 17.24
N THR D 91 -1.36 -40.07 17.23
CA THR D 91 -0.14 -40.00 18.04
C THR D 91 0.76 -38.93 17.47
N ALA D 92 1.11 -37.93 18.28
CA ALA D 92 1.93 -36.83 17.79
C ALA D 92 2.29 -35.93 18.96
N VAL D 93 3.23 -35.02 18.72
CA VAL D 93 3.53 -33.94 19.65
C VAL D 93 2.60 -32.77 19.30
N TYR D 94 1.80 -32.33 20.25
CA TYR D 94 0.85 -31.25 20.02
C TYR D 94 1.41 -29.96 20.58
N TYR D 95 1.28 -28.87 19.82
CA TYR D 95 1.74 -27.55 20.29
C TYR D 95 0.63 -26.50 20.19
N CYS D 96 0.66 -25.47 21.04
CA CYS D 96 -0.32 -24.39 20.94
C CYS D 96 0.42 -23.20 20.33
N ALA D 97 -0.06 -22.69 19.20
CA ALA D 97 0.60 -21.59 18.49
C ALA D 97 -0.23 -20.32 18.37
N ARG D 98 0.39 -19.20 18.70
CA ARG D 98 -0.24 -17.89 18.69
C ARG D 98 -0.01 -17.19 17.35
N CYS D 99 -1.05 -16.52 16.85
CA CYS D 99 -0.90 -15.71 15.65
C CYS D 99 0.01 -14.51 15.97
N PRO D 100 0.89 -14.13 15.04
CA PRO D 100 1.95 -13.16 15.38
C PRO D 100 1.46 -11.76 15.75
N ALA D 101 0.26 -11.34 15.37
CA ALA D 101 -0.13 -9.97 15.62
C ALA D 101 -1.56 -9.89 16.13
N PRO D 102 -1.86 -8.94 16.99
CA PRO D 102 -3.22 -8.79 17.50
C PRO D 102 -4.16 -8.13 16.50
N PHE D 103 -5.45 -8.37 16.73
CA PHE D 103 -6.52 -7.71 16.00
C PHE D 103 -6.48 -8.01 14.51
N THR D 104 -5.91 -9.15 14.12
CA THR D 104 -5.83 -9.50 12.72
C THR D 104 -6.36 -10.92 12.50
N ARG D 105 -6.46 -11.31 11.23
CA ARG D 105 -7.03 -12.59 10.86
C ARG D 105 -6.16 -13.38 9.86
N ASP D 106 -4.89 -13.03 9.73
CA ASP D 106 -3.94 -13.75 8.87
C ASP D 106 -2.80 -14.31 9.72
N CYS D 107 -2.53 -15.62 9.59
CA CYS D 107 -1.53 -16.26 10.43
C CYS D 107 -0.59 -17.13 9.61
N PHE D 108 0.71 -17.13 9.98
CA PHE D 108 1.75 -17.94 9.34
C PHE D 108 2.53 -18.66 10.46
N ASP D 109 1.98 -19.75 11.02
CA ASP D 109 2.53 -20.31 12.26
C ASP D 109 2.85 -21.81 12.26
N VAL D 110 3.05 -22.46 11.13
CA VAL D 110 3.42 -23.88 11.19
C VAL D 110 4.80 -24.06 10.59
N THR D 111 5.61 -23.01 10.67
CA THR D 111 6.93 -23.00 10.05
C THR D 111 7.86 -24.00 10.72
N SER D 112 8.62 -24.74 9.90
CA SER D 112 9.62 -25.65 10.42
C SER D 112 10.66 -24.89 11.22
N THR D 113 11.09 -23.75 10.70
CA THR D 113 12.06 -22.93 11.40
C THR D 113 11.43 -22.41 12.68
N THR D 114 12.27 -22.22 13.69
CA THR D 114 11.80 -21.78 15.00
C THR D 114 10.75 -20.68 14.88
N TYR D 115 9.54 -20.99 15.32
CA TYR D 115 8.48 -20.00 15.37
C TYR D 115 8.49 -19.50 16.81
N ALA D 116 8.44 -18.19 16.97
CA ALA D 116 8.68 -17.63 18.29
C ALA D 116 7.51 -17.83 19.24
N TYR D 117 6.28 -17.84 18.73
CA TYR D 117 5.14 -17.88 19.63
C TYR D 117 4.51 -19.27 19.60
N ARG D 118 5.28 -20.26 20.02
CA ARG D 118 4.86 -21.64 20.04
C ARG D 118 5.37 -22.26 21.33
N GLY D 119 4.60 -23.18 21.90
CA GLY D 119 5.03 -23.85 23.10
C GLY D 119 5.96 -25.01 22.78
N GLN D 120 6.32 -25.75 23.83
CA GLN D 120 7.21 -26.89 23.69
C GLN D 120 6.48 -28.13 23.19
N GLY D 121 5.19 -28.24 23.50
CA GLY D 121 4.38 -29.35 23.04
C GLY D 121 4.27 -30.46 24.07
N THR D 122 3.22 -31.26 23.91
CA THR D 122 2.96 -32.41 24.76
C THR D 122 2.74 -33.63 23.88
N GLN D 123 3.33 -34.75 24.29
CA GLN D 123 3.25 -35.98 23.52
C GLN D 123 1.92 -36.69 23.80
N VAL D 124 1.16 -36.98 22.74
CA VAL D 124 -0.09 -37.70 22.84
C VAL D 124 0.11 -39.01 22.09
N THR D 125 0.42 -40.07 22.83
CA THR D 125 0.64 -41.40 22.29
C THR D 125 -0.62 -42.24 22.44
N VAL D 126 -1.06 -42.86 21.35
CA VAL D 126 -2.26 -43.70 21.40
C VAL D 126 -1.95 -45.13 21.00
N GLY E 41 -49.02 32.43 -26.60
CA GLY E 41 -47.96 33.39 -26.41
C GLY E 41 -46.65 32.91 -27.02
N CYS E 42 -46.76 31.92 -27.89
CA CYS E 42 -45.57 31.36 -28.54
C CYS E 42 -44.86 32.39 -29.41
N TYR E 43 -45.61 33.25 -30.10
CA TYR E 43 -44.99 34.19 -31.04
C TYR E 43 -43.98 35.11 -30.37
N GLU E 44 -44.27 35.58 -29.16
CA GLU E 44 -43.32 36.42 -28.43
C GLU E 44 -42.13 35.59 -27.94
N GLN E 45 -40.94 36.18 -28.01
CA GLN E 45 -39.74 35.50 -27.57
C GLN E 45 -39.74 35.48 -26.05
N LEU E 46 -39.67 34.29 -25.47
CA LEU E 46 -39.66 34.14 -24.02
C LEU E 46 -38.46 34.88 -23.42
N PHE E 47 -38.70 35.63 -22.35
CA PHE E 47 -37.64 36.38 -21.71
C PHE E 47 -37.27 35.79 -20.36
N VAL E 48 -35.96 35.62 -20.14
CA VAL E 48 -35.49 35.06 -18.89
C VAL E 48 -34.69 36.13 -18.17
N SER E 49 -35.03 36.36 -16.91
CA SER E 49 -34.39 37.38 -16.10
C SER E 49 -32.87 37.30 -16.22
N PRO E 50 -32.20 38.42 -16.51
CA PRO E 50 -30.72 38.39 -16.56
C PRO E 50 -30.09 37.82 -15.31
N GLU E 51 -30.69 38.12 -14.15
CA GLU E 51 -30.27 37.60 -12.86
C GLU E 51 -29.97 36.11 -12.91
N VAL E 52 -30.83 35.34 -13.60
CA VAL E 52 -30.63 33.90 -13.68
C VAL E 52 -29.34 33.58 -14.42
N PHE E 53 -29.08 34.29 -15.51
CA PHE E 53 -27.84 34.02 -16.26
C PHE E 53 -26.63 34.37 -15.43
N VAL E 54 -26.67 35.48 -14.69
CA VAL E 54 -25.50 35.87 -13.93
C VAL E 54 -25.30 34.96 -12.73
N THR E 55 -26.39 34.43 -12.17
CA THR E 55 -26.27 33.51 -11.04
C THR E 55 -25.67 32.18 -11.48
N LEU E 56 -26.21 31.60 -12.56
CA LEU E 56 -25.62 30.37 -13.07
C LEU E 56 -24.16 30.58 -13.43
N GLY E 57 -23.85 31.72 -14.05
CA GLY E 57 -22.47 32.00 -14.42
C GLY E 57 -21.53 32.00 -13.24
N VAL E 58 -21.90 32.74 -12.17
CA VAL E 58 -20.99 32.83 -11.03
C VAL E 58 -20.85 31.48 -10.33
N ILE E 59 -21.96 30.75 -10.14
CA ILE E 59 -21.88 29.50 -9.39
C ILE E 59 -21.05 28.47 -10.14
N SER E 60 -21.32 28.28 -11.44
CA SER E 60 -20.52 27.32 -12.19
C SER E 60 -19.08 27.79 -12.34
N LEU E 61 -18.85 29.11 -12.34
CA LEU E 61 -17.48 29.62 -12.34
C LEU E 61 -16.73 29.14 -11.12
N LEU E 62 -17.31 29.32 -9.93
CA LEU E 62 -16.63 28.90 -8.72
C LEU E 62 -16.41 27.40 -8.70
N GLU E 63 -17.40 26.64 -9.16
CA GLU E 63 -17.29 25.18 -9.10
C GLU E 63 -16.19 24.65 -10.03
N ASN E 64 -16.13 25.16 -11.26
CA ASN E 64 -15.09 24.67 -12.15
C ASN E 64 -13.72 25.21 -11.75
N ILE E 65 -13.67 26.40 -11.14
CA ILE E 65 -12.40 26.88 -10.62
C ILE E 65 -11.90 25.95 -9.52
N LEU E 66 -12.78 25.52 -8.63
CA LEU E 66 -12.37 24.58 -7.59
C LEU E 66 -11.88 23.28 -8.21
N VAL E 67 -12.50 22.83 -9.31
CA VAL E 67 -12.03 21.60 -9.96
C VAL E 67 -10.61 21.78 -10.48
N ILE E 68 -10.36 22.87 -11.20
CA ILE E 68 -9.05 23.09 -11.80
C ILE E 68 -7.99 23.32 -10.74
N VAL E 69 -8.34 23.97 -9.63
CA VAL E 69 -7.38 24.18 -8.56
C VAL E 69 -7.04 22.87 -7.87
N ALA E 70 -8.05 22.04 -7.58
CA ALA E 70 -7.77 20.74 -6.98
C ALA E 70 -6.89 19.88 -7.86
N ILE E 71 -7.06 19.95 -9.18
CA ILE E 71 -6.21 19.16 -10.06
C ILE E 71 -4.79 19.74 -10.11
N ALA E 72 -4.65 21.05 -10.24
CA ALA E 72 -3.31 21.64 -10.29
C ALA E 72 -2.55 21.43 -8.98
N LYS E 73 -3.24 21.46 -7.84
CA LYS E 73 -2.56 21.33 -6.55
C LYS E 73 -2.07 19.91 -6.30
N ASN E 74 -2.95 18.94 -6.53
CA ASN E 74 -2.61 17.58 -6.21
C ASN E 74 -1.81 16.85 -7.26
N LYS E 75 -0.58 16.52 -6.87
CA LYS E 75 0.36 15.81 -7.73
C LYS E 75 -0.17 14.45 -8.16
N ASN E 76 -0.87 13.76 -7.25
CA ASN E 76 -1.41 12.45 -7.57
C ASN E 76 -2.36 12.52 -8.76
N LEU E 77 -3.10 13.63 -8.83
CA LEU E 77 -4.04 13.83 -9.92
C LEU E 77 -3.34 14.46 -11.13
N HIS E 78 -2.47 13.69 -11.78
CA HIS E 78 -1.76 14.19 -12.95
C HIS E 78 -1.77 13.18 -14.10
N SER E 79 -2.70 12.23 -14.04
CA SER E 79 -2.85 11.24 -15.09
C SER E 79 -3.61 11.86 -16.26
N PRO E 80 -3.52 11.25 -17.46
CA PRO E 80 -4.27 11.78 -18.61
C PRO E 80 -5.76 12.03 -18.34
N MET E 81 -6.39 11.17 -17.56
CA MET E 81 -7.83 11.31 -17.32
C MET E 81 -8.13 12.63 -16.65
N TYR E 82 -7.26 13.07 -15.75
CA TYR E 82 -7.50 14.32 -15.06
C TYR E 82 -7.14 15.53 -15.90
N PHE E 83 -6.26 15.36 -16.89
CA PHE E 83 -6.02 16.45 -17.83
C PHE E 83 -7.24 16.67 -18.69
N PHE E 84 -7.92 15.59 -19.08
CA PHE E 84 -9.16 15.73 -19.83
C PHE E 84 -10.28 16.32 -18.99
N ILE E 85 -10.37 15.93 -17.72
CA ILE E 85 -11.36 16.55 -16.84
C ILE E 85 -11.06 18.03 -16.66
N CYS E 86 -9.78 18.39 -16.52
CA CYS E 86 -9.39 19.79 -16.43
C CYS E 86 -9.80 20.58 -17.68
N SER E 87 -9.56 20.00 -18.87
CA SER E 87 -9.96 20.67 -20.10
C SER E 87 -11.47 20.89 -20.14
N LEU E 88 -12.24 19.89 -19.71
CA LEU E 88 -13.69 20.05 -19.64
C LEU E 88 -14.08 21.18 -18.70
N ALA E 89 -13.45 21.22 -17.53
CA ALA E 89 -13.78 22.26 -16.56
C ALA E 89 -13.45 23.65 -17.12
N VAL E 90 -12.36 23.77 -17.85
CA VAL E 90 -11.99 25.06 -18.45
C VAL E 90 -13.04 25.49 -19.47
N ALA E 91 -13.44 24.57 -20.35
CA ALA E 91 -14.45 24.91 -21.36
C ALA E 91 -15.77 25.31 -20.71
N ASP E 92 -16.16 24.62 -19.64
CA ASP E 92 -17.43 24.96 -18.99
C ASP E 92 -17.33 26.32 -18.31
N MET E 93 -16.18 26.62 -17.72
CA MET E 93 -15.98 27.95 -17.15
C MET E 93 -16.09 29.02 -18.22
N LEU E 94 -15.53 28.76 -19.41
CA LEU E 94 -15.62 29.73 -20.50
C LEU E 94 -17.06 29.92 -20.96
N VAL E 95 -17.85 28.84 -21.02
CA VAL E 95 -19.25 28.99 -21.42
C VAL E 95 -19.97 29.90 -20.44
N SER E 96 -19.81 29.61 -19.15
CA SER E 96 -20.54 30.37 -18.14
C SER E 96 -20.07 31.83 -18.10
N VAL E 97 -18.76 32.05 -18.06
CA VAL E 97 -18.24 33.41 -18.01
C VAL E 97 -18.68 34.20 -19.23
N SER E 98 -18.50 33.64 -20.42
CA SER E 98 -18.83 34.39 -21.63
C SER E 98 -20.32 34.71 -21.70
N ASN E 99 -21.19 33.75 -21.38
CA ASN E 99 -22.62 34.01 -21.43
C ASN E 99 -23.03 35.02 -20.38
N GLY E 100 -22.43 34.94 -19.18
CA GLY E 100 -22.75 35.91 -18.15
C GLY E 100 -22.29 37.30 -18.53
N SER E 101 -21.11 37.40 -19.13
CA SER E 101 -20.60 38.68 -19.57
C SER E 101 -21.50 39.29 -20.63
N GLU E 102 -21.98 38.46 -21.56
CA GLU E 102 -22.90 38.97 -22.57
C GLU E 102 -24.20 39.46 -21.93
N THR E 103 -24.68 38.73 -20.92
CA THR E 103 -25.89 39.15 -20.22
C THR E 103 -25.71 40.49 -19.54
N ILE E 104 -24.59 40.66 -18.83
CA ILE E 104 -24.33 41.91 -18.11
C ILE E 104 -24.14 43.05 -19.11
N VAL E 105 -23.42 42.81 -20.20
CA VAL E 105 -23.20 43.86 -21.18
C VAL E 105 -24.52 44.31 -21.78
N ILE E 106 -25.39 43.37 -22.15
CA ILE E 106 -26.68 43.73 -22.72
C ILE E 106 -27.52 44.50 -21.71
N THR E 107 -27.57 44.04 -20.46
CA THR E 107 -28.37 44.74 -19.47
C THR E 107 -27.86 46.17 -19.24
N LEU E 108 -26.54 46.34 -19.12
CA LEU E 108 -25.98 47.67 -18.87
C LEU E 108 -26.21 48.59 -20.06
N LEU E 109 -26.07 48.07 -21.28
CA LEU E 109 -26.34 48.89 -22.46
C LEU E 109 -27.81 49.26 -22.51
N ASN E 110 -28.68 48.35 -22.08
CA ASN E 110 -30.12 48.59 -22.08
C ASN E 110 -30.52 49.64 -21.05
N SER E 111 -29.81 49.70 -19.93
CA SER E 111 -30.15 50.69 -18.90
C SER E 111 -29.83 52.10 -19.36
N THR E 112 -28.82 52.27 -20.23
CA THR E 112 -28.44 53.59 -20.72
C THR E 112 -29.48 54.13 -21.69
N SER E 118 -21.74 50.39 -34.04
CA SER E 118 -20.33 50.69 -33.84
C SER E 118 -19.69 49.73 -32.84
N PHE E 119 -19.70 50.13 -31.56
CA PHE E 119 -19.14 49.29 -30.52
C PHE E 119 -19.97 48.01 -30.34
N THR E 120 -21.30 48.12 -30.44
CA THR E 120 -22.17 46.98 -30.23
C THR E 120 -21.84 45.83 -31.17
N VAL E 121 -21.60 46.13 -32.45
CA VAL E 121 -21.37 45.06 -33.41
C VAL E 121 -20.09 44.30 -33.08
N ASN E 122 -19.01 45.02 -32.79
CA ASN E 122 -17.76 44.36 -32.49
C ASN E 122 -17.83 43.59 -31.20
N ILE E 123 -18.44 44.18 -30.17
CA ILE E 123 -18.57 43.51 -28.88
C ILE E 123 -19.39 42.24 -29.02
N ASP E 124 -20.50 42.32 -29.75
CA ASP E 124 -21.36 41.17 -29.97
C ASP E 124 -20.64 40.09 -30.74
N ASN E 125 -19.88 40.47 -31.77
CA ASN E 125 -19.21 39.46 -32.58
C ASN E 125 -18.08 38.80 -31.82
N VAL E 126 -17.40 39.53 -30.93
CA VAL E 126 -16.34 38.92 -30.15
C VAL E 126 -16.91 37.99 -29.11
N ILE E 127 -17.93 38.43 -28.37
CA ILE E 127 -18.49 37.58 -27.33
C ILE E 127 -19.11 36.32 -27.94
N ASP E 128 -19.79 36.46 -29.07
CA ASP E 128 -20.36 35.28 -29.71
C ASP E 128 -19.28 34.34 -30.22
N SER E 129 -18.14 34.86 -30.69
CA SER E 129 -17.09 33.94 -31.11
C SER E 129 -16.50 33.20 -29.92
N VAL E 130 -16.43 33.86 -28.77
CA VAL E 130 -15.95 33.17 -27.57
C VAL E 130 -16.94 32.09 -27.16
N ILE E 131 -18.23 32.41 -27.20
CA ILE E 131 -19.26 31.45 -26.77
C ILE E 131 -19.28 30.23 -27.66
N CYS E 132 -19.28 30.43 -28.98
CA CYS E 132 -19.30 29.30 -29.91
C CYS E 132 -18.06 28.43 -29.75
N SER E 133 -16.88 29.07 -29.67
CA SER E 133 -15.65 28.30 -29.50
C SER E 133 -15.70 27.49 -28.20
N SER E 134 -16.18 28.10 -27.13
CA SER E 134 -16.22 27.41 -25.84
C SER E 134 -17.22 26.25 -25.85
N LEU E 135 -18.36 26.39 -26.54
CA LEU E 135 -19.29 25.26 -26.61
C LEU E 135 -18.69 24.10 -27.39
N LEU E 136 -18.01 24.39 -28.49
CA LEU E 136 -17.36 23.32 -29.22
C LEU E 136 -16.30 22.64 -28.36
N ALA E 137 -15.57 23.43 -27.57
CA ALA E 137 -14.57 22.86 -26.68
C ALA E 137 -15.20 21.97 -25.61
N SER E 138 -16.36 22.36 -25.09
CA SER E 138 -17.02 21.53 -24.08
C SER E 138 -17.43 20.18 -24.66
N ILE E 139 -18.03 20.19 -25.85
CA ILE E 139 -18.46 18.93 -26.46
C ILE E 139 -17.26 18.04 -26.77
N CYS E 140 -16.20 18.63 -27.35
CA CYS E 140 -15.01 17.85 -27.65
C CYS E 140 -14.34 17.30 -26.40
N SER E 141 -14.39 18.04 -25.30
CA SER E 141 -13.82 17.57 -24.05
C SER E 141 -14.56 16.35 -23.51
N LEU E 142 -15.90 16.37 -23.58
CA LEU E 142 -16.64 15.18 -23.15
C LEU E 142 -16.34 13.98 -24.03
N LEU E 143 -16.20 14.20 -25.33
CA LEU E 143 -15.85 13.09 -26.20
C LEU E 143 -14.46 12.55 -25.87
N SER E 144 -13.51 13.44 -25.57
CA SER E 144 -12.16 12.99 -25.21
C SER E 144 -12.16 12.19 -23.91
N ILE E 145 -12.98 12.57 -22.94
CA ILE E 145 -13.08 11.78 -21.72
C ILE E 145 -13.60 10.38 -22.05
N ALA E 146 -14.65 10.30 -22.85
CA ALA E 146 -15.21 9.00 -23.20
C ALA E 146 -14.20 8.14 -23.95
N VAL E 147 -13.43 8.74 -24.85
CA VAL E 147 -12.44 7.99 -25.62
C VAL E 147 -11.31 7.51 -24.72
N ASP E 148 -10.92 8.35 -23.79
CA ASP E 148 -9.87 8.03 -22.84
C ASP E 148 -10.27 6.78 -22.09
N ARG E 149 -11.48 6.79 -21.54
CA ARG E 149 -12.00 5.66 -20.75
C ARG E 149 -12.14 4.42 -21.61
N TYR E 150 -12.60 4.57 -22.83
CA TYR E 150 -12.70 3.43 -23.72
C TYR E 150 -11.34 2.79 -23.93
N PHE E 151 -10.31 3.60 -24.12
CA PHE E 151 -8.95 3.09 -24.26
C PHE E 151 -8.50 2.31 -23.02
N THR E 152 -8.76 2.86 -21.83
CA THR E 152 -8.36 2.13 -20.62
C THR E 152 -9.01 0.76 -20.57
N ILE E 153 -10.33 0.70 -20.82
CA ILE E 153 -11.04 -0.59 -20.73
C ILE E 153 -10.63 -1.55 -21.86
N PHE E 154 -10.45 -1.06 -23.08
CA PHE E 154 -10.23 -1.97 -24.21
C PHE E 154 -8.79 -2.02 -24.71
N TYR E 155 -7.86 -1.35 -24.05
CA TYR E 155 -6.44 -1.38 -24.36
C TYR E 155 -5.71 -1.32 -23.04
N ALA E 156 -6.16 -2.16 -22.09
CA ALA E 156 -5.71 -2.06 -20.71
C ALA E 156 -4.22 -2.30 -20.56
N LEU E 157 -3.66 -3.23 -21.34
CA LEU E 157 -2.24 -3.56 -21.18
C LEU E 157 -1.35 -2.61 -21.96
N GLN E 158 -1.85 -2.02 -23.04
CA GLN E 158 -1.08 -1.08 -23.83
C GLN E 158 -1.31 0.37 -23.45
N TYR E 159 -2.46 0.64 -22.82
CA TYR E 159 -2.89 1.97 -22.41
C TYR E 159 -1.84 3.04 -22.11
N HIS E 160 -0.90 2.75 -21.23
CA HIS E 160 0.11 3.75 -20.89
C HIS E 160 1.04 4.05 -22.07
N ASN E 161 1.39 3.05 -22.86
CA ASN E 161 2.18 3.30 -24.05
C ASN E 161 1.44 4.24 -25.00
N ILE E 162 0.14 3.98 -25.21
CA ILE E 162 -0.65 4.79 -26.12
C ILE E 162 -0.90 6.19 -25.57
N MET E 163 -1.25 6.31 -24.30
CA MET E 163 -1.62 7.61 -23.73
C MET E 163 -0.50 8.19 -22.88
N THR E 164 0.52 8.69 -23.58
CA THR E 164 1.68 9.30 -22.96
C THR E 164 1.33 10.73 -22.63
N VAL E 165 2.12 11.37 -21.77
CA VAL E 165 1.87 12.76 -21.42
C VAL E 165 2.04 13.66 -22.65
N LYS E 166 3.04 13.35 -23.46
CA LYS E 166 3.32 14.11 -24.68
C LYS E 166 2.14 14.06 -25.66
N ARG E 167 1.35 13.00 -25.61
CA ARG E 167 0.21 12.89 -26.51
C ARG E 167 -1.03 13.52 -25.91
N VAL E 168 -1.18 13.50 -24.59
CA VAL E 168 -2.31 14.18 -23.97
C VAL E 168 -2.20 15.69 -24.18
N GLY E 169 -1.01 16.25 -24.00
CA GLY E 169 -0.83 17.66 -24.27
C GLY E 169 -1.09 18.01 -25.71
N ILE E 170 -0.59 17.19 -26.63
CA ILE E 170 -0.82 17.45 -28.05
C ILE E 170 -2.30 17.41 -28.39
N ILE E 171 -3.02 16.40 -27.87
CA ILE E 171 -4.44 16.25 -28.17
C ILE E 171 -5.23 17.43 -27.61
N ILE E 172 -4.98 17.81 -26.37
CA ILE E 172 -5.75 18.88 -25.77
C ILE E 172 -5.50 20.19 -26.50
N SER E 173 -4.23 20.47 -26.83
CA SER E 173 -3.91 21.70 -27.54
C SER E 173 -4.54 21.71 -28.93
N CYS E 174 -4.51 20.58 -29.64
CA CYS E 174 -5.12 20.53 -30.96
C CYS E 174 -6.63 20.71 -30.89
N ILE E 175 -7.28 20.12 -29.89
CA ILE E 175 -8.72 20.27 -29.73
C ILE E 175 -9.06 21.73 -29.50
N TRP E 176 -8.33 22.38 -28.59
CA TRP E 176 -8.62 23.77 -28.29
C TRP E 176 -8.37 24.68 -29.49
N ALA E 177 -7.30 24.42 -30.25
CA ALA E 177 -7.05 25.25 -31.43
C ALA E 177 -8.14 25.08 -32.48
N ALA E 178 -8.55 23.83 -32.75
CA ALA E 178 -9.60 23.63 -33.74
C ALA E 178 -10.93 24.21 -33.27
N CYS E 179 -11.24 24.10 -31.97
CA CYS E 179 -12.49 24.65 -31.46
C CYS E 179 -12.50 26.17 -31.54
N THR E 180 -11.38 26.82 -31.20
CA THR E 180 -11.32 28.28 -31.30
C THR E 180 -11.47 28.74 -32.75
N VAL E 181 -10.74 28.11 -33.67
CA VAL E 181 -10.82 28.51 -35.07
C VAL E 181 -12.23 28.28 -35.61
N SER E 182 -12.84 27.14 -35.27
CA SER E 182 -14.18 26.85 -35.73
C SER E 182 -15.19 27.84 -35.17
N GLY E 183 -15.05 28.22 -33.90
CA GLY E 183 -15.96 29.21 -33.36
C GLY E 183 -15.83 30.54 -34.08
N ILE E 184 -14.61 30.94 -34.40
CA ILE E 184 -14.40 32.22 -35.09
C ILE E 184 -15.03 32.18 -36.48
N LEU E 185 -14.79 31.10 -37.23
CA LEU E 185 -15.38 30.99 -38.55
C LEU E 185 -16.90 30.86 -38.49
N PHE E 186 -17.44 30.17 -37.48
CA PHE E 186 -18.88 30.01 -37.36
C PHE E 186 -19.57 31.30 -36.94
N ILE E 187 -18.85 32.24 -36.36
CA ILE E 187 -19.51 33.50 -36.03
C ILE E 187 -19.31 34.52 -37.15
N ILE E 188 -18.15 34.55 -37.80
CA ILE E 188 -17.95 35.49 -38.88
C ILE E 188 -18.96 35.24 -40.00
N TYR E 189 -19.26 33.97 -40.29
CA TYR E 189 -20.21 33.60 -41.33
C TYR E 189 -21.52 33.06 -40.76
N SER E 190 -21.97 33.63 -39.63
CA SER E 190 -23.19 33.13 -39.01
C SER E 190 -24.41 33.30 -39.90
N ASP E 191 -24.40 34.29 -40.78
CA ASP E 191 -25.53 34.52 -41.69
C ASP E 191 -25.35 33.70 -42.97
N SER E 192 -25.46 32.39 -42.80
CA SER E 192 -25.35 31.45 -43.89
C SER E 192 -26.04 30.14 -43.50
N SER E 193 -26.33 29.30 -44.48
CA SER E 193 -26.98 28.02 -44.21
C SER E 193 -26.00 26.87 -44.05
N ALA E 194 -24.71 27.17 -43.93
CA ALA E 194 -23.69 26.13 -43.79
C ALA E 194 -23.20 25.99 -42.36
N VAL E 195 -23.08 27.09 -41.65
CA VAL E 195 -22.56 27.06 -40.29
C VAL E 195 -23.49 26.26 -39.38
N ILE E 196 -24.80 26.49 -39.49
CA ILE E 196 -25.75 25.75 -38.66
C ILE E 196 -25.74 24.26 -39.03
N ILE E 197 -25.65 23.94 -40.32
CA ILE E 197 -25.56 22.54 -40.74
C ILE E 197 -24.33 21.88 -40.14
N CYS E 198 -23.19 22.57 -40.16
CA CYS E 198 -21.98 21.99 -39.60
C CYS E 198 -22.10 21.82 -38.09
N LEU E 199 -22.82 22.72 -37.43
CA LEU E 199 -22.96 22.60 -35.98
C LEU E 199 -23.84 21.41 -35.62
N ILE E 200 -24.94 21.20 -36.34
CA ILE E 200 -25.78 20.07 -35.96
C ILE E 200 -25.11 18.76 -36.34
N THR E 201 -24.33 18.74 -37.43
CA THR E 201 -23.60 17.52 -37.78
C THR E 201 -22.57 17.19 -36.71
N MET E 202 -21.82 18.18 -36.25
CA MET E 202 -20.84 17.91 -35.21
C MET E 202 -21.50 17.43 -33.92
N PHE E 203 -22.60 18.07 -33.50
CA PHE E 203 -23.22 17.60 -32.28
C PHE E 203 -23.74 16.18 -32.41
N PHE E 204 -24.42 15.85 -33.51
CA PHE E 204 -25.06 14.54 -33.52
C PHE E 204 -24.06 13.44 -33.77
N THR E 205 -22.97 13.74 -34.48
CA THR E 205 -21.88 12.78 -34.60
C THR E 205 -21.24 12.51 -33.24
N MET E 206 -21.03 13.56 -32.44
CA MET E 206 -20.37 13.32 -31.17
C MET E 206 -21.31 12.69 -30.16
N LEU E 207 -22.61 12.94 -30.25
CA LEU E 207 -23.56 12.22 -29.41
C LEU E 207 -23.59 10.73 -29.74
N ALA E 208 -23.64 10.40 -31.03
CA ALA E 208 -23.63 8.99 -31.40
C ALA E 208 -22.35 8.32 -30.93
N LEU E 209 -21.20 9.01 -31.05
CA LEU E 209 -19.95 8.41 -30.61
C LEU E 209 -19.92 8.20 -29.11
N MET E 210 -20.36 9.18 -28.33
CA MET E 210 -20.33 9.04 -26.88
C MET E 210 -21.24 7.90 -26.43
N ALA E 211 -22.45 7.84 -26.97
CA ALA E 211 -23.38 6.79 -26.58
C ALA E 211 -22.84 5.42 -26.95
N SER E 212 -22.26 5.29 -28.15
CA SER E 212 -21.72 4.00 -28.56
C SER E 212 -20.59 3.54 -27.63
N LEU E 213 -19.69 4.46 -27.27
CA LEU E 213 -18.56 4.08 -26.42
C LEU E 213 -19.03 3.63 -25.05
N TYR E 214 -19.95 4.38 -24.44
CA TYR E 214 -20.39 3.99 -23.11
C TYR E 214 -21.24 2.73 -23.14
N VAL E 215 -22.02 2.52 -24.19
CA VAL E 215 -22.80 1.28 -24.28
C VAL E 215 -21.88 0.08 -24.39
N HIS E 216 -20.82 0.19 -25.18
CA HIS E 216 -19.90 -0.93 -25.31
C HIS E 216 -19.21 -1.24 -23.98
N MET E 217 -18.75 -0.20 -23.28
CA MET E 217 -18.13 -0.45 -21.98
C MET E 217 -19.11 -1.08 -21.00
N PHE E 218 -20.37 -0.65 -21.02
CA PHE E 218 -21.40 -1.28 -20.21
C PHE E 218 -21.56 -2.76 -20.53
N LEU E 219 -21.57 -3.11 -21.82
CA LEU E 219 -21.74 -4.50 -22.19
C LEU E 219 -20.57 -5.34 -21.69
N MET E 220 -19.35 -4.81 -21.78
CA MET E 220 -18.20 -5.54 -21.24
C MET E 220 -18.29 -5.70 -19.72
N ALA E 221 -18.73 -4.66 -19.03
CA ALA E 221 -18.90 -4.76 -17.59
C ALA E 221 -19.95 -5.79 -17.22
N ARG E 222 -21.02 -5.86 -17.98
CA ARG E 222 -22.07 -6.85 -17.72
C ARG E 222 -21.55 -8.26 -17.94
N LEU E 223 -20.71 -8.46 -18.96
CA LEU E 223 -20.09 -9.76 -19.18
C LEU E 223 -19.22 -10.17 -17.99
N HIS E 224 -18.45 -9.23 -17.46
CA HIS E 224 -17.67 -9.53 -16.26
C HIS E 224 -18.56 -9.87 -15.09
N ILE E 225 -19.70 -9.19 -14.97
CA ILE E 225 -20.65 -9.47 -13.90
C ILE E 225 -21.14 -10.91 -14.00
N LYS E 226 -21.50 -11.33 -15.21
CA LYS E 226 -21.96 -12.69 -15.41
C LYS E 226 -20.91 -13.71 -15.03
N ARG E 227 -19.64 -13.43 -15.34
CA ARG E 227 -18.60 -14.39 -14.98
C ARG E 227 -18.29 -14.37 -13.48
N ILE E 228 -18.35 -13.21 -12.84
CA ILE E 228 -18.08 -13.13 -11.42
C ILE E 228 -19.17 -13.83 -10.61
N ALA E 229 -20.43 -13.63 -10.98
CA ALA E 229 -21.53 -14.13 -10.16
C ALA E 229 -21.58 -15.64 -10.09
N VAL E 230 -21.04 -16.35 -11.07
CA VAL E 230 -21.13 -17.82 -11.12
C VAL E 230 -19.89 -18.38 -10.41
N LEU E 231 -19.96 -18.40 -9.08
CA LEU E 231 -18.89 -18.91 -8.24
C LEU E 231 -19.47 -19.80 -7.15
N PRO E 232 -18.73 -20.84 -6.75
CA PRO E 232 -19.25 -21.77 -5.74
C PRO E 232 -19.45 -21.16 -4.36
N GLY E 233 -18.82 -20.05 -4.05
CA GLY E 233 -19.04 -19.49 -2.73
C GLY E 233 -20.14 -18.47 -2.66
N THR E 234 -20.75 -18.17 -3.79
CA THR E 234 -21.84 -17.19 -3.85
C THR E 234 -23.11 -17.80 -4.41
N GLN E 239 -29.16 -2.28 -4.81
CA GLN E 239 -28.82 -1.98 -6.19
C GLN E 239 -28.38 -3.19 -7.00
N GLY E 240 -27.11 -3.53 -6.87
CA GLY E 240 -26.51 -4.57 -7.66
C GLY E 240 -25.63 -4.01 -8.76
N ALA E 241 -24.74 -4.85 -9.28
CA ALA E 241 -23.82 -4.40 -10.32
C ALA E 241 -24.56 -4.01 -11.59
N ASN E 242 -25.62 -4.75 -11.91
CA ASN E 242 -26.42 -4.48 -13.10
C ASN E 242 -27.20 -3.17 -12.96
N MET E 243 -27.62 -2.85 -11.75
CA MET E 243 -28.36 -1.62 -11.50
C MET E 243 -27.41 -0.44 -11.43
N LYS E 244 -26.27 -0.58 -10.76
CA LYS E 244 -25.31 0.51 -10.71
C LYS E 244 -24.81 0.86 -12.10
N GLY E 245 -24.51 -0.15 -12.93
CA GLY E 245 -24.07 0.14 -14.29
C GLY E 245 -25.14 0.86 -15.09
N ALA E 246 -26.39 0.39 -15.00
CA ALA E 246 -27.47 1.01 -15.75
C ALA E 246 -27.70 2.45 -15.30
N ILE E 247 -27.62 2.71 -13.99
CA ILE E 247 -27.78 4.07 -13.49
C ILE E 247 -26.65 4.96 -13.96
N THR E 248 -25.42 4.45 -13.98
CA THR E 248 -24.31 5.24 -14.48
C THR E 248 -24.52 5.64 -15.94
N LEU E 249 -24.93 4.70 -16.79
CA LEU E 249 -25.21 5.08 -18.18
C LEU E 249 -26.38 6.05 -18.27
N THR E 250 -27.40 5.83 -17.45
CA THR E 250 -28.57 6.72 -17.49
C THR E 250 -28.16 8.15 -17.18
N ILE E 251 -27.38 8.35 -16.12
CA ILE E 251 -26.98 9.71 -15.78
C ILE E 251 -26.04 10.28 -16.83
N LEU E 252 -25.02 9.51 -17.22
CA LEU E 252 -23.98 10.05 -18.11
C LEU E 252 -24.55 10.44 -19.47
N ILE E 253 -25.41 9.61 -20.04
CA ILE E 253 -25.97 9.93 -21.36
C ILE E 253 -27.19 10.83 -21.25
N GLY E 254 -28.08 10.58 -20.29
CA GLY E 254 -29.27 11.40 -20.16
C GLY E 254 -28.98 12.85 -19.87
N VAL E 255 -27.98 13.14 -19.02
CA VAL E 255 -27.67 14.53 -18.74
C VAL E 255 -27.17 15.22 -19.99
N PHE E 256 -26.29 14.57 -20.74
CA PHE E 256 -25.77 15.17 -21.96
C PHE E 256 -26.90 15.46 -22.95
N VAL E 257 -27.75 14.48 -23.20
CA VAL E 257 -28.81 14.65 -24.20
C VAL E 257 -29.82 15.70 -23.74
N VAL E 258 -30.27 15.62 -22.49
CA VAL E 258 -31.29 16.54 -22.01
C VAL E 258 -30.75 17.97 -21.96
N CYS E 259 -29.52 18.16 -21.51
CA CYS E 259 -28.99 19.51 -21.34
C CYS E 259 -28.45 20.13 -22.62
N TRP E 260 -28.08 19.34 -23.64
CA TRP E 260 -27.62 19.92 -24.89
C TRP E 260 -28.71 19.91 -25.96
N ALA E 261 -29.31 18.76 -26.23
CA ALA E 261 -30.06 18.54 -27.47
C ALA E 261 -31.16 19.56 -27.75
N PRO E 262 -31.88 20.12 -26.79
CA PRO E 262 -32.87 21.15 -27.16
C PRO E 262 -32.31 22.28 -27.99
N PHE E 263 -31.08 22.73 -27.71
CA PHE E 263 -30.47 23.80 -28.49
C PHE E 263 -30.26 23.38 -29.94
N PHE E 264 -29.75 22.17 -30.16
CA PHE E 264 -29.51 21.76 -31.54
C PHE E 264 -30.80 21.39 -32.24
N LEU E 265 -31.85 21.00 -31.50
CA LEU E 265 -33.17 20.90 -32.11
C LEU E 265 -33.65 22.27 -32.57
N HIS E 266 -33.37 23.30 -31.77
CA HIS E 266 -33.66 24.67 -32.18
C HIS E 266 -32.97 25.00 -33.48
N LEU E 267 -31.68 24.70 -33.59
CA LEU E 267 -30.98 24.98 -34.86
C LEU E 267 -31.56 24.16 -36.01
N ILE E 268 -31.98 22.92 -35.74
CA ILE E 268 -32.59 22.11 -36.79
C ILE E 268 -33.84 22.80 -37.31
N PHE E 269 -34.66 23.35 -36.41
CA PHE E 269 -35.84 24.07 -36.87
C PHE E 269 -35.46 25.39 -37.52
N TYR E 270 -34.35 25.99 -37.09
CA TYR E 270 -33.86 27.23 -37.67
C TYR E 270 -33.48 27.04 -39.13
N ILE E 271 -33.15 25.83 -39.52
CA ILE E 271 -32.94 25.57 -40.94
C ILE E 271 -34.23 25.08 -41.60
N SER E 272 -34.82 24.01 -41.07
CA SER E 272 -35.94 23.34 -41.71
C SER E 272 -37.22 24.14 -41.84
N CYS E 273 -37.82 24.47 -40.69
CA CYS E 273 -39.16 25.04 -40.62
C CYS E 273 -39.17 26.34 -39.83
N PRO E 274 -38.59 27.40 -40.38
CA PRO E 274 -38.57 28.67 -39.62
C PRO E 274 -39.94 29.28 -39.45
N GLN E 275 -40.77 29.29 -40.49
CA GLN E 275 -42.07 29.95 -40.47
C GLN E 275 -43.22 29.04 -40.04
N ASN E 276 -42.96 27.75 -39.83
CA ASN E 276 -44.03 26.85 -39.43
C ASN E 276 -44.60 27.29 -38.09
N PRO E 277 -45.92 27.21 -37.90
CA PRO E 277 -46.50 27.70 -36.64
C PRO E 277 -46.02 26.98 -35.39
N TYR E 278 -45.71 25.69 -35.46
CA TYR E 278 -45.27 24.98 -34.25
C TYR E 278 -43.78 25.15 -34.00
N CYS E 279 -42.97 25.16 -35.07
CA CYS E 279 -41.55 25.36 -34.89
C CYS E 279 -41.26 26.75 -34.36
N VAL E 280 -42.08 27.73 -34.71
CA VAL E 280 -41.90 29.07 -34.15
C VAL E 280 -42.11 29.03 -32.64
N CYS E 281 -43.14 28.32 -32.20
CA CYS E 281 -43.39 28.24 -30.76
C CYS E 281 -42.23 27.54 -30.07
N PHE E 282 -41.70 26.47 -30.67
CA PHE E 282 -40.55 25.80 -30.07
C PHE E 282 -39.35 26.72 -30.00
N MET E 283 -39.12 27.53 -31.04
CA MET E 283 -37.96 28.41 -31.04
C MET E 283 -38.12 29.55 -30.08
N SER E 284 -39.32 29.86 -29.66
CA SER E 284 -39.50 30.95 -28.70
C SER E 284 -38.85 30.67 -27.35
N HIS E 285 -38.20 29.51 -27.21
CA HIS E 285 -37.56 29.10 -25.97
C HIS E 285 -36.03 29.09 -26.04
N PHE E 286 -35.47 29.91 -26.93
CA PHE E 286 -34.02 29.95 -27.06
C PHE E 286 -33.35 30.37 -25.75
N ASN E 287 -33.96 31.33 -25.04
CA ASN E 287 -33.42 31.80 -23.78
C ASN E 287 -33.43 30.73 -22.69
N LEU E 288 -34.21 29.68 -22.88
CA LEU E 288 -34.25 28.61 -21.92
C LEU E 288 -33.22 27.57 -22.32
N TYR E 289 -33.07 27.35 -23.62
CA TYR E 289 -32.10 26.36 -24.10
C TYR E 289 -30.69 26.76 -23.72
N LEU E 290 -30.40 28.07 -23.72
CA LEU E 290 -29.10 28.52 -23.21
C LEU E 290 -28.94 28.25 -21.72
N ILE E 291 -30.03 28.34 -20.94
CA ILE E 291 -29.93 28.02 -19.53
C ILE E 291 -29.70 26.53 -19.33
N LEU E 292 -30.32 25.69 -20.16
CA LEU E 292 -30.02 24.27 -20.06
C LEU E 292 -28.56 24.00 -20.33
N ILE E 293 -27.97 24.68 -21.31
CA ILE E 293 -26.54 24.46 -21.58
C ILE E 293 -25.68 24.92 -20.39
N MET E 294 -25.97 26.10 -19.83
CA MET E 294 -25.22 26.54 -18.66
C MET E 294 -25.45 25.63 -17.45
N CYS E 295 -26.64 25.05 -17.35
CA CYS E 295 -26.92 24.13 -16.25
C CYS E 295 -26.05 22.90 -16.42
N ASN E 296 -25.73 22.57 -17.67
CA ASN E 296 -24.87 21.43 -17.94
C ASN E 296 -23.48 21.80 -17.48
N SER E 297 -23.07 23.04 -17.75
CA SER E 297 -21.78 23.50 -17.28
C SER E 297 -21.68 23.41 -15.77
N ILE E 298 -22.78 23.63 -15.06
CA ILE E 298 -22.75 23.52 -13.60
C ILE E 298 -22.82 22.06 -13.14
N ILE E 299 -23.47 21.18 -13.92
CA ILE E 299 -23.65 19.79 -13.47
C ILE E 299 -22.42 18.94 -13.75
N ASP E 300 -21.81 19.06 -14.93
CA ASP E 300 -20.77 18.12 -15.35
C ASP E 300 -19.68 17.84 -14.32
N PRO E 301 -19.17 18.80 -13.54
CA PRO E 301 -18.19 18.43 -12.52
C PRO E 301 -18.67 17.38 -11.52
N LEU E 302 -19.97 17.28 -11.26
CA LEU E 302 -20.45 16.32 -10.28
C LEU E 302 -20.50 14.89 -10.79
N ILE E 303 -20.41 14.66 -12.10
CA ILE E 303 -20.48 13.30 -12.63
C ILE E 303 -19.17 12.84 -13.22
N TYR E 304 -18.14 13.67 -13.21
CA TYR E 304 -16.82 13.21 -13.65
C TYR E 304 -15.77 13.47 -12.58
N ALA E 305 -15.59 14.74 -12.24
CA ALA E 305 -14.54 15.11 -11.29
C ALA E 305 -14.85 14.61 -9.88
N LEU E 306 -16.11 14.63 -9.48
CA LEU E 306 -16.47 14.32 -8.10
C LEU E 306 -16.77 12.86 -7.87
N ARG E 307 -16.53 12.00 -8.84
CA ARG E 307 -16.68 10.58 -8.61
C ARG E 307 -15.41 9.95 -8.08
N SER E 308 -14.27 10.57 -8.36
CA SER E 308 -12.97 10.11 -7.88
C SER E 308 -12.77 10.50 -6.43
N GLN E 309 -12.20 9.60 -5.62
CA GLN E 309 -11.98 9.90 -4.21
C GLN E 309 -10.92 10.97 -3.99
N GLU E 310 -9.86 10.98 -4.80
CA GLU E 310 -8.79 11.94 -4.60
C GLU E 310 -9.28 13.37 -4.84
N LEU E 311 -10.08 13.58 -5.88
CA LEU E 311 -10.62 14.91 -6.14
C LEU E 311 -11.58 15.33 -5.04
N ARG E 312 -12.29 14.38 -4.43
CA ARG E 312 -13.17 14.74 -3.31
C ARG E 312 -12.36 15.18 -2.10
N LYS E 313 -11.31 14.44 -1.79
CA LYS E 313 -10.45 14.79 -0.66
C LYS E 313 -9.84 16.18 -0.88
N THR E 314 -9.32 16.41 -2.08
CA THR E 314 -8.71 17.69 -2.39
C THR E 314 -9.73 18.82 -2.33
N PHE E 315 -10.95 18.57 -2.83
CA PHE E 315 -12.01 19.56 -2.72
C PHE E 315 -12.28 19.93 -1.27
N LYS E 316 -12.33 18.95 -0.38
CA LYS E 316 -12.73 19.30 0.98
C LYS E 316 -11.61 20.05 1.68
N GLU E 317 -10.36 19.67 1.40
CA GLU E 317 -9.24 20.41 1.96
C GLU E 317 -9.19 21.84 1.41
N ILE E 318 -9.41 22.02 0.11
CA ILE E 318 -9.40 23.37 -0.47
C ILE E 318 -10.54 24.19 0.11
N ILE E 319 -11.72 23.60 0.26
CA ILE E 319 -12.85 24.34 0.78
C ILE E 319 -12.56 24.82 2.19
N CYS E 320 -11.96 23.96 3.03
CA CYS E 320 -11.65 24.41 4.38
C CYS E 320 -10.50 25.42 4.40
N CYS E 321 -9.52 25.30 3.50
CA CYS E 321 -8.46 26.29 3.41
C CYS E 321 -8.93 27.58 2.74
N TYR E 322 -9.77 27.48 1.72
CA TYR E 322 -10.22 28.66 1.00
C TYR E 322 -11.74 28.78 0.98
N SER F 2 -31.60 50.18 -34.53
CA SER F 2 -30.33 49.81 -35.14
C SER F 2 -30.05 48.34 -34.86
N TYR F 3 -28.76 48.00 -34.75
CA TYR F 3 -28.35 46.64 -34.43
C TYR F 3 -28.63 46.37 -32.95
N SER F 4 -29.28 45.26 -32.65
CA SER F 4 -29.59 44.89 -31.28
C SER F 4 -28.67 43.76 -30.85
N MET F 5 -28.32 43.73 -29.57
CA MET F 5 -27.47 42.69 -29.03
C MET F 5 -28.30 41.63 -28.32
N GLU F 6 -28.10 40.38 -28.70
N GLU F 6 -28.08 40.37 -28.67
CA GLU F 6 -28.86 39.24 -28.23
CA GLU F 6 -28.86 39.27 -28.10
C GLU F 6 -27.92 38.17 -27.69
C GLU F 6 -27.94 38.20 -27.55
N HIS F 7 -28.51 37.29 -26.90
N HIS F 7 -28.25 37.38 -26.74
CA HIS F 7 -27.89 36.07 -26.40
CA HIS F 7 -27.79 36.06 -26.34
C HIS F 7 -27.38 35.21 -27.55
C HIS F 7 -27.37 35.23 -27.54
N PHE F 8 -26.12 34.81 -27.47
CA PHE F 8 -25.38 34.15 -28.54
C PHE F 8 -25.85 34.34 -29.98
N ARG F 9 -26.64 33.46 -30.57
CA ARG F 9 -27.00 33.70 -31.96
C ARG F 9 -28.22 32.87 -32.31
N TRP F 10 -28.70 33.05 -33.54
CA TRP F 10 -29.81 32.28 -34.06
C TRP F 10 -31.02 32.27 -33.13
N GLY F 11 -31.15 33.29 -32.28
CA GLY F 11 -32.28 33.33 -31.37
C GLY F 11 -33.59 33.49 -32.10
N LYS F 12 -33.59 34.23 -33.21
CA LYS F 12 -34.77 34.43 -34.02
C LYS F 12 -34.45 34.11 -35.48
N PRO F 13 -35.33 33.41 -36.17
CA PRO F 13 -35.07 33.06 -37.56
C PRO F 13 -35.18 34.27 -38.48
N VAL F 14 -34.46 34.20 -39.60
CA VAL F 14 -34.52 35.27 -40.58
C VAL F 14 -35.70 35.00 -41.50
CA CA G . -24.80 37.72 -29.35
#